data_3J0Q
#
_entry.id   3J0Q
#
_cell.length_a   1.000
_cell.length_b   1.000
_cell.length_c   1.000
_cell.angle_alpha   90.00
_cell.angle_beta   90.00
_cell.angle_gamma   90.00
#
_symmetry.space_group_name_H-M   'P 1'
#
loop_
_entity.id
_entity.type
_entity.pdbx_description
1 polymer '40S ribosomal RNA fragment'
2 polymer '40S ribosomal RNA fragment'
3 polymer '40S ribosomal RNA fragment'
4 polymer '40S ribosomal RNA fragment'
5 polymer '40S ribosomal RNA fragment'
6 polymer '40S ribosomal RNA fragment'
7 polymer '40S ribosomal RNA fragment'
8 polymer 'Ribosomal protein S15'
9 polymer 'Ribosomal protein S23'
10 polymer 'Ribosomal protein S30'
11 polymer '60S ribosomal RNA fragment'
12 polymer '60S ribosomal RNA fragment'
13 polymer '60S ribosomal RNA fragment'
14 polymer '60S ribosomal RNA fragment'
15 polymer 'Ribosomal protein L10a'
16 polymer 'Ribosomal protein L10'
17 polymer 'Ribosomal protein L11'
18 polymer tRNA
19 polymer 'mRNA fragment'
20 polymer 'mRNA fragment'
#
loop_
_entity_poly.entity_id
_entity_poly.type
_entity_poly.pdbx_seq_one_letter_code
_entity_poly.pdbx_strand_id
1 'polyribonucleotide' GGAGGGCAAGUCAUGGUGCCAGCAGCCGCGGUAAUUCCAGCUCCAAUA a
2 'polyribonucleotide' GACGAUCAGAUACCGUC c
3 'polyribonucleotide' CGAGGAA d
4 'polyribonucleotide' GAACCUGCGGCUUAAUUUGACUCAACACGGG g
5 'polyribonucleotide' GCACGCGCGUUAC G
6 'polyribonucleotide' GGUGGUGGUGCAUGGCCGUUC f
7 'polyribonucleotide'
;CACCGCCCGUCGCUUGUAGUAACGAAUGGUCUGGUGAACCUUCUGGACUGCGACAGCAAUGUUGCGGAAAAAUAAGUAAA
CCCUACCAUUUGGAACAACAAGAAGUCGUAA
;
h
8 'polypeptide(L)'
;FTFRGKGLEELTALASGSNSEKLISDELAALFDAKTRRRVKRGISEKYAKFVNKVRRSKEKCPAGEKPVPVKTHYRSMIV
IPELVGGIVGVYNGKEFVNVEVKFDMIGKYLAEFAMTYKPTTHGK
;
S
9 'polypeptide(L)'
;GVGKPRGIRAGRKLARHRKDQRWADNDFNKRLLGSRWRNPFMGASHAKGLVTEKIGIESKQPNSAVRKCVRVLLRKNSKK
IAAFVPMDGCLNFLAENDEVLVAGLGRQGHAVGDIPGVRFKVVCVKGISLLALFKGKKEKR
;
L
10 'polypeptide(L)' TLAKAGKVRKQTPKVEKKDKPRKTPKGRSYKRILYNRRYAPHILATDPKKRKSPNWHAGKKEKMDAAA X
11 'polyribonucleotide'
;GCCCAGUGCUCUGAAUGUCAAAGUGAAGAAAUUCAACCAAGCGCGGGUAAACGGCGGGAGUAACUAUGACUCUCUUAAGG
UAGCCAAAUGCCUCGUCAUCUAAUUAGUGACG
;
2
12 'polyribonucleotide' GCCAGUGAAAUA 3
13 'polyribonucleotide' UGGAGAACAGAAAUCUCCA 9
14 'polyribonucleotide' GCUUGUGGCAGUCAAGCGUUCAUAGCGACAUUGCUUUUUGAUUCUUCGAU 7
15 'polypeptide(L)'
;ITSSQVREHVKELLKYSNETKKRNFLETVELQVGLKNYDPQRDKRFSGSLKLPNCPRPNMSICIFGDAFDVDRAKSCGVD
AMSVDDLKKLNKNKKLIKKLSKKYNAFIASEVLIKQVPRLLGPQLSKAGKFPTPVSHNDDLYGKVTDVRSTIKFQLKKVL
CLAVAVGNVEMEEDVLVNQILMSVNFFVSLLKKNWQNVGSLVVKSSMGPAFRL
;
B
16 'polypeptide(L)'
;RRPARCYRYQKNKPYPKSRYNRAVPDSKIRIYDLGKKKATVDEFPLCVHLVSNELEQLSSEALEAARICANKYMTTVSGR
DAFHLRVRVHPFHVLRINKMLSCAGADRLQQGMRGAWGKPHGLAARVDIGQIIFSVRTKDSNKDVVVEGLRRARYKFPGQ
QKIILSKKWGFTNLDRPEYLKKREAGEVKDDGAFVKFLSKKGSLENNIREFPEYFAAQA
;
J
17 'polypeptide(L)'
;NPMRDLKIEKLVLNISVGESGDRLTRASKVLEQLSGQTPVQSKARYTVRTFGIRRNEKIAVHVTVRGPKAEEILERGLKV
KEYQLRDRNFSATGNFGFGIDEHIDLGIKYDPSIGIFGMDFYVVMNRPGARVTRRKRCKGTVGNSHKTTKEDTVSWFKQK
YDADV
;
k
18 'polyribonucleotide' CGCGGGGUGGAGCAGCCUGGUAGCUCGUCGGGCUCAUAACCCGAAGGUCGUCGGUUCAAAUCCGGCCCCCGCAACCA Y,W
19 'polyribonucleotide' UUC y
20 'polyribonucleotide' AA w
#
loop_
_chem_comp.id
_chem_comp.type
_chem_comp.name
_chem_comp.formula
A RNA linking ADENOSINE-5'-MONOPHOSPHATE 'C10 H14 N5 O7 P'
C RNA linking CYTIDINE-5'-MONOPHOSPHATE 'C9 H14 N3 O8 P'
G RNA linking GUANOSINE-5'-MONOPHOSPHATE 'C10 H14 N5 O8 P'
U RNA linking URIDINE-5'-MONOPHOSPHATE 'C9 H13 N2 O9 P'
#
# COMPACT_ATOMS: atom_id res chain seq x y z
N PHE H 1 -15.83 24.55 23.42
CA PHE H 1 -15.86 25.93 23.99
C PHE H 1 -15.06 26.88 23.08
N THR H 2 -15.66 27.26 21.95
CA THR H 2 -15.02 28.14 20.97
C THR H 2 -15.78 29.45 20.75
N PHE H 3 -15.05 30.54 20.47
CA PHE H 3 -15.65 31.84 20.22
C PHE H 3 -15.26 32.42 18.85
N ARG H 4 -15.59 33.68 18.62
CA ARG H 4 -15.29 34.34 17.34
C ARG H 4 -14.60 35.71 17.40
N GLY H 5 -13.60 35.87 16.55
CA GLY H 5 -12.83 37.10 16.44
C GLY H 5 -13.14 38.31 17.32
N LYS H 6 -14.10 39.13 16.88
CA LYS H 6 -14.48 40.36 17.60
C LYS H 6 -15.97 40.48 17.98
N GLY H 7 -16.69 39.36 18.00
CA GLY H 7 -18.10 39.41 18.35
C GLY H 7 -18.96 39.68 17.14
N LEU H 8 -19.47 38.60 16.54
CA LEU H 8 -20.30 38.67 15.34
C LEU H 8 -21.42 39.69 15.42
N GLU H 9 -21.93 39.91 16.62
CA GLU H 9 -23.01 40.87 16.80
C GLU H 9 -22.55 42.32 16.88
N GLU H 10 -21.51 42.58 17.68
CA GLU H 10 -21.01 43.95 17.82
C GLU H 10 -20.88 44.58 16.45
N LEU H 11 -20.46 43.75 15.50
CA LEU H 11 -20.25 44.18 14.12
C LEU H 11 -21.53 44.43 13.32
N THR H 12 -22.56 43.63 13.57
CA THR H 12 -23.83 43.83 12.87
C THR H 12 -24.37 45.19 13.27
N ALA H 13 -23.98 45.62 14.48
CA ALA H 13 -24.39 46.91 15.05
C ALA H 13 -23.37 47.96 14.62
N LEU H 14 -22.16 47.47 14.41
CA LEU H 14 -21.05 48.30 13.97
C LEU H 14 -21.22 48.66 12.50
N ALA H 15 -21.62 47.66 11.70
CA ALA H 15 -21.84 47.84 10.27
C ALA H 15 -23.17 48.54 9.96
N SER H 16 -24.25 48.04 10.55
CA SER H 16 -25.58 48.62 10.38
C SER H 16 -25.85 49.69 11.45
N GLY H 17 -24.77 50.32 11.92
CA GLY H 17 -24.87 51.36 12.95
C GLY H 17 -25.78 52.50 12.57
N SER H 18 -25.83 53.53 13.41
CA SER H 18 -26.69 54.70 13.16
C SER H 18 -26.73 55.09 11.68
N ASN H 19 -25.57 55.10 11.04
CA ASN H 19 -25.48 55.45 9.62
C ASN H 19 -25.06 54.25 8.76
N SER H 20 -25.99 53.31 8.58
CA SER H 20 -25.73 52.11 7.78
C SER H 20 -25.81 52.43 6.30
N GLU H 21 -25.13 53.51 5.92
CA GLU H 21 -25.06 53.99 4.55
C GLU H 21 -24.19 53.07 3.69
N LYS H 22 -22.95 53.52 3.44
CA LYS H 22 -21.99 52.77 2.65
C LYS H 22 -21.71 51.40 3.26
N LEU H 23 -21.95 50.34 2.50
CA LEU H 23 -21.73 48.96 2.94
C LEU H 23 -20.73 48.78 4.07
N ILE H 24 -19.64 49.53 4.00
CA ILE H 24 -18.60 49.43 5.00
C ILE H 24 -18.48 50.73 5.78
N SER H 25 -19.27 50.84 6.84
CA SER H 25 -19.24 52.02 7.67
C SER H 25 -17.79 52.25 8.07
N ASP H 26 -17.45 53.50 8.33
CA ASP H 26 -16.09 53.86 8.72
C ASP H 26 -15.66 53.08 9.96
N GLU H 27 -16.64 52.42 10.59
CA GLU H 27 -16.39 51.60 11.78
C GLU H 27 -15.55 50.42 11.34
N LEU H 28 -16.14 49.60 10.49
CA LEU H 28 -15.47 48.41 9.97
C LEU H 28 -14.11 48.82 9.42
N ALA H 29 -13.97 50.09 9.03
CA ALA H 29 -12.73 50.58 8.48
C ALA H 29 -11.57 50.33 9.45
N ALA H 30 -11.73 50.72 10.70
CA ALA H 30 -10.70 50.55 11.72
C ALA H 30 -10.22 49.11 11.82
N LEU H 31 -11.07 48.18 11.42
CA LEU H 31 -10.78 46.76 11.48
C LEU H 31 -9.93 46.16 10.36
N PHE H 32 -10.18 46.58 9.12
CA PHE H 32 -9.44 46.04 7.97
C PHE H 32 -8.01 46.49 7.75
N ASP H 33 -7.26 45.65 7.04
CA ASP H 33 -5.88 45.90 6.70
C ASP H 33 -5.81 47.11 5.79
N ALA H 34 -4.63 47.71 5.69
CA ALA H 34 -4.43 48.90 4.85
C ALA H 34 -4.97 48.75 3.42
N LYS H 35 -4.66 47.64 2.76
CA LYS H 35 -5.11 47.39 1.38
C LYS H 35 -6.61 47.48 1.23
N THR H 36 -7.34 46.86 2.16
CA THR H 36 -8.78 46.89 2.11
C THR H 36 -9.28 48.33 2.38
N ARG H 37 -8.77 48.93 3.46
CA ARG H 37 -9.12 50.30 3.86
C ARG H 37 -8.90 51.24 2.70
N ARG H 38 -7.81 50.98 2.00
CA ARG H 38 -7.43 51.76 0.83
C ARG H 38 -8.62 51.77 -0.11
N ARG H 39 -8.98 50.59 -0.60
CA ARG H 39 -10.08 50.42 -1.53
C ARG H 39 -11.38 51.12 -1.14
N VAL H 40 -11.92 50.77 0.01
CA VAL H 40 -13.16 51.36 0.46
C VAL H 40 -13.06 52.88 0.59
N LYS H 41 -11.99 53.36 1.23
CA LYS H 41 -11.76 54.79 1.42
C LYS H 41 -11.50 55.48 0.09
N ARG H 42 -11.25 54.67 -0.93
CA ARG H 42 -10.95 55.18 -2.26
C ARG H 42 -12.20 55.27 -3.14
N GLY H 43 -12.67 54.13 -3.65
CA GLY H 43 -13.84 54.13 -4.51
C GLY H 43 -14.36 52.74 -4.75
N ILE H 44 -15.26 52.32 -3.86
CA ILE H 44 -15.89 51.01 -3.96
C ILE H 44 -17.15 51.15 -4.82
N SER H 45 -17.48 50.10 -5.58
CA SER H 45 -18.64 50.11 -6.46
C SER H 45 -19.98 49.88 -5.79
N GLU H 46 -21.05 50.26 -6.49
CA GLU H 46 -22.42 50.12 -5.99
C GLU H 46 -22.96 48.73 -6.26
N LYS H 47 -22.53 48.13 -7.37
CA LYS H 47 -22.98 46.78 -7.69
C LYS H 47 -22.74 45.93 -6.46
N TYR H 48 -21.58 46.15 -5.83
CA TYR H 48 -21.22 45.42 -4.62
C TYR H 48 -22.27 45.58 -3.51
N ALA H 49 -23.22 46.48 -3.72
CA ALA H 49 -24.26 46.73 -2.72
C ALA H 49 -25.56 45.98 -3.03
N LYS H 50 -25.84 45.79 -4.30
CA LYS H 50 -27.05 45.09 -4.69
C LYS H 50 -26.76 43.60 -4.56
N PHE H 51 -25.48 43.25 -4.63
CA PHE H 51 -25.09 41.86 -4.47
C PHE H 51 -25.28 41.53 -3.01
N VAL H 52 -24.97 42.51 -2.17
CA VAL H 52 -25.11 42.38 -0.74
C VAL H 52 -26.51 41.91 -0.38
N ASN H 53 -27.50 42.69 -0.80
CA ASN H 53 -28.90 42.39 -0.52
C ASN H 53 -29.34 41.03 -1.07
N LYS H 54 -28.69 40.58 -2.15
CA LYS H 54 -29.04 39.28 -2.72
C LYS H 54 -28.74 38.14 -1.78
N VAL H 55 -27.72 38.31 -0.94
CA VAL H 55 -27.37 37.31 0.07
C VAL H 55 -28.42 37.43 1.18
N ARG H 56 -28.74 38.67 1.54
CA ARG H 56 -29.71 39.03 2.57
C ARG H 56 -30.97 38.17 2.49
N ARG H 57 -31.62 38.21 1.34
CA ARG H 57 -32.85 37.46 1.11
C ARG H 57 -32.58 35.96 1.23
N SER H 58 -31.41 35.53 0.79
CA SER H 58 -31.04 34.12 0.85
C SER H 58 -30.90 33.62 2.28
N LYS H 59 -30.40 34.48 3.18
CA LYS H 59 -30.21 34.11 4.58
C LYS H 59 -31.47 33.98 5.45
N GLU H 60 -32.49 34.78 5.15
CA GLU H 60 -33.72 34.75 5.92
C GLU H 60 -34.77 33.81 5.38
N LYS H 61 -35.24 34.09 4.17
CA LYS H 61 -36.28 33.29 3.53
C LYS H 61 -36.06 31.78 3.72
N CYS H 62 -34.80 31.36 3.64
CA CYS H 62 -34.48 29.95 3.83
C CYS H 62 -34.84 29.48 5.24
N PRO H 63 -35.58 28.37 5.35
CA PRO H 63 -35.98 27.85 6.66
C PRO H 63 -34.74 27.40 7.42
N ALA H 64 -34.89 27.13 8.72
CA ALA H 64 -33.77 26.66 9.52
C ALA H 64 -33.33 25.29 9.00
N GLY H 65 -33.89 24.91 7.86
CA GLY H 65 -33.55 23.64 7.24
C GLY H 65 -32.19 23.77 6.59
N GLU H 66 -31.44 24.77 7.06
CA GLU H 66 -30.09 25.10 6.61
C GLU H 66 -29.78 24.89 5.13
N LYS H 67 -30.71 25.32 4.29
CA LYS H 67 -30.57 25.19 2.84
C LYS H 67 -30.56 26.57 2.16
N PRO H 68 -29.41 27.28 2.21
CA PRO H 68 -29.29 28.61 1.60
C PRO H 68 -29.35 28.62 0.07
N VAL H 69 -29.97 29.66 -0.49
CA VAL H 69 -30.06 29.81 -1.93
C VAL H 69 -28.73 30.36 -2.41
N PRO H 70 -27.92 29.55 -3.11
CA PRO H 70 -26.63 30.05 -3.58
C PRO H 70 -26.74 31.31 -4.45
N VAL H 71 -25.99 32.35 -4.06
CA VAL H 71 -25.96 33.62 -4.78
C VAL H 71 -24.75 33.59 -5.71
N LYS H 72 -24.96 33.81 -7.01
CA LYS H 72 -23.89 33.75 -8.01
C LYS H 72 -23.22 35.09 -8.33
N THR H 73 -21.90 35.11 -8.37
CA THR H 73 -21.19 36.34 -8.68
C THR H 73 -19.79 36.21 -9.26
N HIS H 74 -19.37 37.25 -9.98
CA HIS H 74 -18.06 37.32 -10.58
C HIS H 74 -17.23 38.32 -9.79
N TYR H 75 -17.88 39.00 -8.85
CA TYR H 75 -17.24 40.02 -8.02
C TYR H 75 -16.20 39.43 -7.08
N ARG H 76 -15.28 38.65 -7.64
CA ARG H 76 -14.23 38.00 -6.87
C ARG H 76 -13.40 39.02 -6.12
N SER H 77 -13.55 40.29 -6.50
CA SER H 77 -12.79 41.36 -5.86
C SER H 77 -13.44 41.84 -4.58
N MET H 78 -14.63 41.35 -4.27
CA MET H 78 -15.32 41.75 -3.06
C MET H 78 -14.65 41.22 -1.77
N ILE H 79 -14.58 42.08 -0.75
CA ILE H 79 -14.00 41.72 0.54
C ILE H 79 -15.17 41.44 1.46
N VAL H 80 -15.29 40.18 1.88
CA VAL H 80 -16.37 39.76 2.75
C VAL H 80 -16.74 40.76 3.84
N ILE H 81 -18.02 41.12 3.88
CA ILE H 81 -18.54 42.06 4.88
C ILE H 81 -19.15 41.21 6.01
N PRO H 82 -19.09 41.69 7.27
CA PRO H 82 -19.64 40.95 8.41
C PRO H 82 -20.97 40.25 8.16
N GLU H 83 -21.94 41.02 7.67
CA GLU H 83 -23.27 40.50 7.39
C GLU H 83 -23.27 39.46 6.27
N LEU H 84 -22.13 39.26 5.63
CA LEU H 84 -22.01 38.31 4.54
C LEU H 84 -21.68 36.90 5.03
N VAL H 85 -21.56 36.76 6.34
CA VAL H 85 -21.23 35.47 6.94
C VAL H 85 -22.47 34.60 7.07
N GLY H 86 -22.34 33.31 6.77
CA GLY H 86 -23.47 32.41 6.88
C GLY H 86 -24.08 32.01 5.55
N GLY H 87 -23.98 32.89 4.55
CA GLY H 87 -24.54 32.59 3.25
C GLY H 87 -23.55 31.84 2.36
N ILE H 88 -24.07 31.06 1.43
CA ILE H 88 -23.22 30.32 0.51
C ILE H 88 -23.27 31.01 -0.85
N VAL H 89 -22.18 31.70 -1.19
CA VAL H 89 -22.12 32.40 -2.46
C VAL H 89 -21.35 31.61 -3.49
N GLY H 90 -21.91 31.56 -4.69
CA GLY H 90 -21.28 30.87 -5.80
C GLY H 90 -20.40 31.89 -6.48
N VAL H 91 -19.11 31.63 -6.49
CA VAL H 91 -18.19 32.56 -7.11
C VAL H 91 -17.54 31.93 -8.31
N TYR H 92 -17.49 32.67 -9.41
CA TYR H 92 -16.90 32.21 -10.65
C TYR H 92 -15.39 32.24 -10.48
N ASN H 93 -14.68 31.33 -11.16
CA ASN H 93 -13.23 31.28 -11.07
C ASN H 93 -12.63 31.36 -12.48
N GLY H 94 -13.20 30.58 -13.38
CA GLY H 94 -12.73 30.55 -14.75
C GLY H 94 -13.64 29.63 -15.52
N LYS H 95 -13.99 28.51 -14.91
CA LYS H 95 -14.87 27.52 -15.53
C LYS H 95 -16.31 27.70 -15.08
N GLU H 96 -16.57 27.46 -13.80
CA GLU H 96 -17.93 27.58 -13.29
C GLU H 96 -18.02 28.41 -12.02
N PHE H 97 -19.10 28.24 -11.27
CA PHE H 97 -19.31 28.97 -10.03
C PHE H 97 -18.93 28.10 -8.86
N VAL H 98 -18.32 28.69 -7.85
CA VAL H 98 -17.91 27.95 -6.68
C VAL H 98 -18.79 28.30 -5.50
N ASN H 99 -19.33 27.28 -4.85
CA ASN H 99 -20.17 27.50 -3.68
C ASN H 99 -19.29 27.41 -2.44
N VAL H 100 -19.31 28.47 -1.65
CA VAL H 100 -18.51 28.51 -0.44
C VAL H 100 -19.34 29.01 0.74
N GLU H 101 -19.32 28.25 1.84
CA GLU H 101 -20.05 28.61 3.04
C GLU H 101 -19.19 29.63 3.77
N VAL H 102 -19.73 30.83 3.93
CA VAL H 102 -19.00 31.91 4.56
C VAL H 102 -18.94 31.78 6.09
N LYS H 103 -17.73 31.59 6.60
CA LYS H 103 -17.48 31.47 8.04
C LYS H 103 -17.09 32.84 8.56
N PHE H 104 -17.11 33.01 9.87
CA PHE H 104 -16.75 34.29 10.46
C PHE H 104 -15.32 34.68 10.10
N ASP H 105 -14.44 33.68 10.00
CA ASP H 105 -13.01 33.91 9.72
C ASP H 105 -12.61 34.52 8.38
N MET H 106 -13.42 34.31 7.35
CA MET H 106 -13.10 34.82 6.03
C MET H 106 -13.52 36.26 5.75
N ILE H 107 -13.64 37.06 6.80
CA ILE H 107 -14.00 38.46 6.63
C ILE H 107 -12.74 39.28 6.51
N GLY H 108 -12.84 40.41 5.80
CA GLY H 108 -11.69 41.27 5.61
C GLY H 108 -10.76 40.69 4.58
N LYS H 109 -11.11 39.48 4.14
CA LYS H 109 -10.35 38.75 3.15
C LYS H 109 -11.12 38.77 1.84
N TYR H 110 -10.40 38.74 0.73
CA TYR H 110 -11.02 38.80 -0.58
C TYR H 110 -11.81 37.57 -0.94
N LEU H 111 -13.06 37.81 -1.29
CA LEU H 111 -14.00 36.78 -1.69
C LEU H 111 -13.38 35.83 -2.71
N ALA H 112 -12.38 36.32 -3.44
CA ALA H 112 -11.73 35.50 -4.45
C ALA H 112 -10.84 34.44 -3.83
N GLU H 113 -10.35 34.70 -2.63
CA GLU H 113 -9.44 33.79 -1.93
C GLU H 113 -9.93 32.36 -1.72
N PHE H 114 -11.14 32.06 -2.17
CA PHE H 114 -11.67 30.72 -1.95
C PHE H 114 -12.08 30.05 -3.24
N ALA H 115 -12.34 30.85 -4.26
CA ALA H 115 -12.71 30.33 -5.57
C ALA H 115 -11.44 29.94 -6.31
N MET H 116 -10.96 28.73 -6.06
CA MET H 116 -9.74 28.24 -6.68
C MET H 116 -9.81 28.53 -8.18
N THR H 117 -8.80 29.24 -8.67
CA THR H 117 -8.72 29.64 -10.07
C THR H 117 -7.95 28.70 -10.97
N TYR H 118 -7.38 27.67 -10.38
CA TYR H 118 -6.60 26.72 -11.15
C TYR H 118 -6.37 25.49 -10.32
N LYS H 119 -6.38 24.33 -10.97
CA LYS H 119 -6.14 23.08 -10.26
C LYS H 119 -4.63 22.81 -10.23
N PRO H 120 -3.99 22.95 -9.05
CA PRO H 120 -2.54 22.71 -8.97
C PRO H 120 -2.17 21.37 -9.61
N THR H 121 -0.89 21.02 -9.58
CA THR H 121 -0.45 19.82 -10.27
C THR H 121 -0.17 18.47 -9.58
N THR H 122 -0.74 17.43 -10.18
CA THR H 122 -0.56 16.04 -9.76
C THR H 122 0.58 15.68 -10.70
N HIS H 123 1.07 14.44 -10.69
CA HIS H 123 2.16 14.13 -11.61
C HIS H 123 2.37 12.67 -12.00
N GLY H 124 3.28 12.48 -12.95
CA GLY H 124 3.63 11.17 -13.46
C GLY H 124 4.01 11.29 -14.92
N LYS H 125 4.80 10.34 -15.42
CA LYS H 125 5.23 10.35 -16.82
C LYS H 125 5.83 8.99 -17.21
N GLY I 1 48.99 -4.36 -91.26
CA GLY I 1 47.53 -4.64 -91.48
C GLY I 1 46.76 -4.68 -90.17
N VAL I 2 45.45 -4.93 -90.27
CA VAL I 2 44.63 -5.03 -89.08
C VAL I 2 44.44 -6.50 -88.81
N GLY I 3 43.54 -6.83 -87.89
CA GLY I 3 43.33 -8.24 -87.57
C GLY I 3 42.82 -9.07 -88.74
N LYS I 4 41.76 -8.58 -89.38
CA LYS I 4 41.16 -9.26 -90.50
C LYS I 4 42.23 -9.53 -91.56
N PRO I 5 42.19 -10.69 -92.24
CA PRO I 5 43.16 -11.05 -93.29
C PRO I 5 42.69 -10.59 -94.68
N ARG I 6 43.58 -9.97 -95.47
CA ARG I 6 43.23 -9.46 -96.81
C ARG I 6 43.72 -10.26 -98.01
N GLY I 7 43.51 -11.58 -98.01
CA GLY I 7 43.96 -12.38 -99.14
C GLY I 7 42.82 -12.70 -100.07
N ILE I 8 43.12 -12.78 -101.36
CA ILE I 8 42.10 -13.08 -102.35
C ILE I 8 41.78 -14.55 -102.25
N ARG I 9 42.72 -15.32 -101.71
CA ARG I 9 42.57 -16.77 -101.55
C ARG I 9 41.94 -17.10 -100.21
N ALA I 10 41.87 -16.11 -99.33
CA ALA I 10 41.31 -16.33 -97.99
C ALA I 10 39.91 -15.76 -97.81
N GLY I 11 38.98 -16.24 -98.63
CA GLY I 11 37.61 -15.77 -98.51
C GLY I 11 37.00 -16.62 -97.43
N ARG I 12 37.18 -17.94 -97.57
CA ARG I 12 36.66 -18.93 -96.63
C ARG I 12 36.88 -18.46 -95.21
N LYS I 13 38.13 -18.13 -94.89
CA LYS I 13 38.48 -17.66 -93.56
C LYS I 13 37.54 -16.54 -93.13
N LEU I 14 37.54 -15.43 -93.88
CA LEU I 14 36.70 -14.31 -93.53
C LEU I 14 35.26 -14.74 -93.34
N ALA I 15 34.78 -15.63 -94.21
CA ALA I 15 33.42 -16.11 -94.15
C ALA I 15 33.09 -16.78 -92.84
N ARG I 16 33.86 -17.80 -92.50
CA ARG I 16 33.59 -18.52 -91.27
C ARG I 16 33.68 -17.57 -90.10
N HIS I 17 34.65 -16.66 -90.16
CA HIS I 17 34.87 -15.68 -89.10
C HIS I 17 33.60 -14.90 -88.84
N ARG I 18 32.96 -14.36 -89.88
CA ARG I 18 31.73 -13.57 -89.74
C ARG I 18 30.59 -14.40 -89.19
N LYS I 19 30.46 -15.63 -89.67
CA LYS I 19 29.40 -16.50 -89.20
C LYS I 19 29.57 -16.76 -87.71
N ASP I 20 30.83 -16.82 -87.28
CA ASP I 20 31.17 -17.04 -85.86
C ASP I 20 31.02 -15.79 -85.02
N GLN I 21 31.89 -14.81 -85.25
CA GLN I 21 31.86 -13.55 -84.50
C GLN I 21 30.48 -12.92 -84.50
N ARG I 22 29.58 -13.45 -85.32
CA ARG I 22 28.22 -12.91 -85.40
C ARG I 22 27.30 -13.35 -84.26
N TRP I 23 27.65 -14.43 -83.57
CA TRP I 23 26.82 -14.91 -82.47
C TRP I 23 26.81 -13.93 -81.33
N ALA I 24 27.72 -12.97 -81.38
CA ALA I 24 27.81 -11.97 -80.34
C ALA I 24 26.65 -11.00 -80.38
N ASP I 25 25.76 -11.17 -81.35
CA ASP I 25 24.60 -10.28 -81.48
C ASP I 25 23.40 -10.93 -80.83
N ASN I 26 22.72 -10.23 -79.95
CA ASN I 26 21.57 -10.80 -79.28
C ASN I 26 20.41 -10.93 -80.23
N ASP I 27 20.17 -9.90 -81.02
CA ASP I 27 19.08 -9.91 -81.97
C ASP I 27 19.20 -11.18 -82.83
N PHE I 28 20.43 -11.49 -83.19
CA PHE I 28 20.77 -12.65 -84.00
C PHE I 28 20.57 -13.91 -83.17
N ASN I 29 21.35 -13.98 -82.10
CA ASN I 29 21.38 -15.09 -81.16
C ASN I 29 19.98 -15.43 -80.71
N LYS I 30 19.12 -14.42 -80.72
CA LYS I 30 17.73 -14.56 -80.30
C LYS I 30 16.87 -15.40 -81.24
N ARG I 31 16.61 -14.86 -82.43
CA ARG I 31 15.77 -15.56 -83.39
C ARG I 31 16.44 -16.84 -83.85
N LEU I 32 17.77 -16.83 -83.83
CA LEU I 32 18.49 -18.01 -84.26
C LEU I 32 18.29 -19.19 -83.32
N LEU I 33 18.08 -18.90 -82.05
CA LEU I 33 17.86 -19.96 -81.09
C LEU I 33 16.38 -20.13 -80.76
N GLY I 34 15.56 -20.34 -81.79
CA GLY I 34 14.13 -20.52 -81.61
C GLY I 34 13.66 -20.12 -80.22
N SER I 35 14.04 -18.92 -79.81
CA SER I 35 13.70 -18.41 -78.50
C SER I 35 12.28 -17.88 -78.50
N ARG I 36 11.93 -17.25 -79.62
CA ARG I 36 10.61 -16.66 -79.81
C ARG I 36 9.51 -17.70 -79.61
N TRP I 37 9.79 -18.95 -79.97
CA TRP I 37 8.79 -20.03 -79.87
C TRP I 37 8.54 -20.53 -78.45
N ARG I 38 9.46 -20.25 -77.53
CA ARG I 38 9.32 -20.74 -76.18
C ARG I 38 8.60 -19.80 -75.24
N ASN I 39 8.44 -18.55 -75.64
CA ASN I 39 7.73 -17.61 -74.77
C ASN I 39 6.28 -18.08 -74.59
N PRO I 40 5.53 -17.43 -73.68
CA PRO I 40 4.13 -17.78 -73.41
C PRO I 40 3.16 -17.81 -74.58
N PHE I 41 3.38 -16.95 -75.58
CA PHE I 41 2.50 -16.91 -76.75
C PHE I 41 2.93 -17.88 -77.84
N MET I 42 4.13 -18.43 -77.67
CA MET I 42 4.70 -19.37 -78.64
C MET I 42 4.91 -18.61 -79.95
N GLY I 43 5.60 -17.48 -79.84
CA GLY I 43 5.88 -16.65 -81.00
C GLY I 43 4.76 -15.69 -81.29
N ALA I 44 3.55 -16.24 -81.24
CA ALA I 44 2.34 -15.49 -81.50
C ALA I 44 2.37 -14.00 -81.14
N SER I 45 1.45 -13.27 -81.76
CA SER I 45 1.28 -11.83 -81.59
C SER I 45 0.29 -11.56 -80.44
N HIS I 46 -0.75 -12.40 -80.40
CA HIS I 46 -1.81 -12.31 -79.39
C HIS I 46 -2.20 -13.70 -78.86
N ALA I 47 -2.95 -13.71 -77.76
CA ALA I 47 -3.39 -14.96 -77.17
C ALA I 47 -4.69 -14.78 -76.38
N LYS I 48 -5.58 -15.75 -76.50
CA LYS I 48 -6.84 -15.71 -75.78
C LYS I 48 -6.59 -16.38 -74.43
N GLY I 49 -7.45 -16.06 -73.46
CA GLY I 49 -7.28 -16.63 -72.14
C GLY I 49 -8.46 -16.38 -71.24
N LEU I 50 -8.46 -17.04 -70.10
CA LEU I 50 -9.52 -16.91 -69.12
C LEU I 50 -8.95 -16.19 -67.90
N VAL I 51 -9.69 -15.22 -67.36
CA VAL I 51 -9.23 -14.46 -66.20
C VAL I 51 -9.15 -15.36 -64.96
N THR I 52 -7.96 -15.55 -64.41
CA THR I 52 -7.80 -16.37 -63.21
C THR I 52 -8.07 -15.55 -61.95
N GLU I 53 -7.98 -14.22 -62.04
CA GLU I 53 -8.24 -13.34 -60.90
C GLU I 53 -7.67 -11.95 -61.16
N LYS I 54 -8.33 -10.91 -60.64
CA LYS I 54 -7.79 -9.56 -60.80
C LYS I 54 -6.95 -9.28 -59.56
N ILE I 55 -5.65 -9.06 -59.77
CA ILE I 55 -4.70 -8.79 -58.71
C ILE I 55 -4.13 -7.41 -58.99
N GLY I 56 -3.56 -6.79 -57.97
CA GLY I 56 -2.99 -5.48 -58.18
C GLY I 56 -1.51 -5.54 -57.91
N ILE I 57 -0.74 -4.71 -58.60
CA ILE I 57 0.70 -4.66 -58.39
C ILE I 57 1.17 -3.23 -58.13
N GLU I 58 2.22 -3.12 -57.30
CA GLU I 58 2.81 -1.86 -56.85
C GLU I 58 3.82 -1.30 -57.82
N SER I 59 3.82 0.01 -57.94
CA SER I 59 4.75 0.67 -58.84
C SER I 59 6.16 0.54 -58.27
N LYS I 60 7.16 0.78 -59.10
CA LYS I 60 8.56 0.67 -58.68
C LYS I 60 9.17 2.03 -58.29
N GLN I 61 10.49 2.08 -58.21
CA GLN I 61 11.27 3.27 -57.80
C GLN I 61 10.62 4.62 -57.45
N PRO I 62 10.69 5.65 -58.33
CA PRO I 62 10.07 6.92 -57.92
C PRO I 62 8.54 7.01 -57.94
N ASN I 63 7.90 5.94 -58.41
CA ASN I 63 6.44 5.89 -58.48
C ASN I 63 5.85 4.96 -57.43
N SER I 64 4.67 5.31 -56.94
CA SER I 64 3.99 4.49 -55.95
C SER I 64 2.55 4.41 -56.43
N ALA I 65 2.13 3.23 -56.86
CA ALA I 65 0.76 3.10 -57.33
C ALA I 65 0.26 1.67 -57.48
N VAL I 66 -1.05 1.52 -57.36
CA VAL I 66 -1.73 0.23 -57.47
C VAL I 66 -2.10 -0.01 -58.94
N ARG I 67 -1.33 -0.86 -59.60
CA ARG I 67 -1.60 -1.13 -61.00
C ARG I 67 -2.65 -2.21 -61.07
N LYS I 68 -3.50 -2.11 -62.09
CA LYS I 68 -4.57 -3.06 -62.30
C LYS I 68 -3.99 -4.16 -63.16
N CYS I 69 -4.17 -5.41 -62.74
CA CYS I 69 -3.60 -6.55 -63.48
C CYS I 69 -4.51 -7.74 -63.38
N VAL I 70 -4.53 -8.57 -64.41
CA VAL I 70 -5.34 -9.77 -64.40
C VAL I 70 -4.43 -10.99 -64.58
N ARG I 71 -4.60 -12.03 -63.78
CA ARG I 71 -3.79 -13.22 -63.97
C ARG I 71 -4.59 -14.07 -64.95
N VAL I 72 -4.05 -14.29 -66.14
CA VAL I 72 -4.77 -15.05 -67.16
C VAL I 72 -4.20 -16.45 -67.46
N LEU I 73 -5.06 -17.32 -67.97
CA LEU I 73 -4.68 -18.67 -68.37
C LEU I 73 -4.83 -18.73 -69.90
N LEU I 74 -3.71 -18.83 -70.60
CA LEU I 74 -3.71 -18.88 -72.05
C LEU I 74 -4.30 -20.23 -72.49
N ARG I 75 -5.01 -20.23 -73.62
CA ARG I 75 -5.64 -21.45 -74.10
C ARG I 75 -4.80 -22.67 -74.46
N LYS I 76 -4.27 -22.74 -75.69
CA LYS I 76 -3.47 -23.91 -76.08
C LYS I 76 -2.13 -24.01 -75.36
N ASN I 77 -1.59 -22.86 -74.97
CA ASN I 77 -0.32 -22.82 -74.27
C ASN I 77 -0.48 -23.35 -72.84
N SER I 78 -1.45 -22.78 -72.11
CA SER I 78 -1.76 -23.15 -70.74
C SER I 78 -0.72 -22.66 -69.76
N LYS I 79 -0.54 -21.35 -69.70
CA LYS I 79 0.44 -20.74 -68.80
C LYS I 79 -0.20 -19.65 -67.96
N LYS I 80 0.42 -19.37 -66.82
CA LYS I 80 -0.04 -18.33 -65.93
C LYS I 80 0.51 -17.04 -66.52
N ILE I 81 -0.36 -16.08 -66.79
CA ILE I 81 0.09 -14.82 -67.35
C ILE I 81 -0.22 -13.62 -66.46
N ALA I 82 0.70 -12.67 -66.48
CA ALA I 82 0.54 -11.44 -65.72
C ALA I 82 0.12 -10.44 -66.79
N ALA I 83 -1.09 -9.91 -66.70
CA ALA I 83 -1.56 -8.96 -67.72
C ALA I 83 -2.08 -7.65 -67.15
N PHE I 84 -1.47 -6.57 -67.60
CA PHE I 84 -1.85 -5.23 -67.17
C PHE I 84 -3.10 -4.75 -67.89
N VAL I 85 -4.12 -4.37 -67.14
CA VAL I 85 -5.35 -3.85 -67.70
C VAL I 85 -5.08 -2.36 -67.91
N PRO I 86 -5.20 -1.87 -69.15
CA PRO I 86 -4.97 -0.46 -69.49
C PRO I 86 -5.71 0.64 -68.69
N MET I 87 -6.05 1.71 -69.41
CA MET I 87 -6.73 2.91 -68.90
C MET I 87 -7.53 2.85 -67.60
N ASP I 88 -7.91 4.03 -67.09
CA ASP I 88 -8.66 4.22 -65.84
C ASP I 88 -9.53 3.09 -65.26
N GLY I 89 -10.85 3.20 -65.43
CA GLY I 89 -11.76 2.21 -64.90
C GLY I 89 -11.67 0.80 -65.43
N CYS I 90 -10.93 0.61 -66.51
CA CYS I 90 -10.79 -0.70 -67.15
C CYS I 90 -11.10 -1.94 -66.31
N LEU I 91 -10.35 -2.24 -65.24
CA LEU I 91 -10.62 -3.47 -64.47
C LEU I 91 -12.08 -3.64 -64.03
N ASN I 92 -12.87 -2.56 -64.06
CA ASN I 92 -14.28 -2.64 -63.68
C ASN I 92 -15.14 -3.42 -64.69
N PHE I 93 -14.57 -3.74 -65.85
CA PHE I 93 -15.26 -4.49 -66.91
C PHE I 93 -14.88 -5.97 -66.91
N LEU I 94 -13.64 -6.22 -66.55
CA LEU I 94 -13.12 -7.59 -66.50
C LEU I 94 -13.74 -8.36 -65.34
N ALA I 95 -14.64 -9.27 -65.67
CA ALA I 95 -15.29 -10.11 -64.67
C ALA I 95 -14.46 -11.39 -64.64
N GLU I 96 -14.24 -11.95 -63.46
CA GLU I 96 -13.44 -13.16 -63.34
C GLU I 96 -14.02 -14.32 -64.16
N ASN I 97 -13.15 -14.97 -64.93
CA ASN I 97 -13.48 -16.11 -65.80
C ASN I 97 -13.89 -15.77 -67.23
N ASP I 98 -13.97 -14.47 -67.53
CA ASP I 98 -14.33 -14.03 -68.88
C ASP I 98 -13.18 -14.35 -69.82
N GLU I 99 -13.40 -14.18 -71.12
CA GLU I 99 -12.35 -14.44 -72.10
C GLU I 99 -11.64 -13.14 -72.43
N VAL I 100 -10.30 -13.19 -72.39
CA VAL I 100 -9.49 -12.00 -72.65
C VAL I 100 -8.44 -12.19 -73.76
N LEU I 101 -8.18 -11.12 -74.50
CA LEU I 101 -7.17 -11.11 -75.58
C LEU I 101 -5.98 -10.23 -75.16
N VAL I 102 -4.83 -10.84 -75.02
CA VAL I 102 -3.62 -10.14 -74.59
C VAL I 102 -2.50 -10.02 -75.62
N ALA I 103 -1.77 -8.90 -75.54
CA ALA I 103 -0.65 -8.60 -76.41
C ALA I 103 0.45 -7.99 -75.55
N GLY I 104 1.68 -7.99 -76.05
CA GLY I 104 2.80 -7.44 -75.29
C GLY I 104 2.86 -5.93 -75.21
N LEU I 105 3.84 -5.43 -74.47
CA LEU I 105 4.04 -3.99 -74.33
C LEU I 105 5.47 -3.73 -74.84
N GLY I 106 5.62 -2.80 -75.80
CA GLY I 106 6.93 -2.46 -76.35
C GLY I 106 8.01 -3.54 -76.30
N ARG I 107 8.26 -4.16 -77.45
CA ARG I 107 9.22 -5.26 -77.58
C ARG I 107 9.15 -6.22 -76.41
N GLN I 108 8.78 -7.45 -76.74
CA GLN I 108 8.62 -8.51 -75.74
C GLN I 108 9.81 -8.69 -74.83
N GLY I 109 9.76 -8.10 -73.64
CA GLY I 109 10.85 -8.27 -72.69
C GLY I 109 10.71 -7.38 -71.49
N HIS I 110 11.20 -6.14 -71.59
CA HIS I 110 11.10 -5.22 -70.48
C HIS I 110 9.65 -4.75 -70.44
N ALA I 111 9.06 -4.69 -69.26
CA ALA I 111 7.69 -4.20 -69.13
C ALA I 111 7.81 -2.68 -69.10
N VAL I 112 6.70 -1.95 -69.10
CA VAL I 112 6.79 -0.48 -69.05
C VAL I 112 7.63 -0.12 -67.85
N GLY I 113 8.49 0.90 -67.98
CA GLY I 113 9.33 1.29 -66.85
C GLY I 113 8.75 1.11 -65.44
N ASP I 114 7.47 1.47 -65.28
CA ASP I 114 6.75 1.40 -63.99
C ASP I 114 6.46 0.01 -63.41
N ILE I 115 5.84 -0.83 -64.22
CA ILE I 115 5.47 -2.20 -63.84
C ILE I 115 6.66 -3.07 -63.39
N PRO I 116 6.40 -4.12 -62.59
CA PRO I 116 7.46 -5.01 -62.11
C PRO I 116 7.73 -6.21 -63.03
N GLY I 117 6.94 -7.28 -62.89
CA GLY I 117 7.14 -8.47 -63.71
C GLY I 117 6.05 -8.74 -64.73
N VAL I 118 5.32 -7.69 -65.11
CA VAL I 118 4.22 -7.78 -66.08
C VAL I 118 4.72 -7.55 -67.50
N ARG I 119 4.36 -8.46 -68.39
CA ARG I 119 4.79 -8.34 -69.78
C ARG I 119 3.63 -8.29 -70.75
N PHE I 120 2.41 -8.21 -70.25
CA PHE I 120 1.24 -8.19 -71.14
C PHE I 120 0.15 -7.16 -70.89
N LYS I 121 -0.56 -6.88 -71.98
CA LYS I 121 -1.63 -5.89 -72.03
C LYS I 121 -2.93 -6.65 -72.30
N VAL I 122 -4.03 -6.13 -71.79
CA VAL I 122 -5.35 -6.75 -71.99
C VAL I 122 -6.15 -5.91 -72.99
N VAL I 123 -6.58 -6.49 -74.10
CA VAL I 123 -7.34 -5.71 -75.08
C VAL I 123 -8.81 -6.11 -75.28
N CYS I 124 -9.20 -7.29 -74.82
CA CYS I 124 -10.58 -7.73 -74.97
C CYS I 124 -11.21 -8.49 -73.81
N VAL I 125 -12.47 -8.16 -73.56
CA VAL I 125 -13.26 -8.76 -72.49
C VAL I 125 -14.47 -9.44 -73.12
N LYS I 126 -14.55 -10.76 -73.04
CA LYS I 126 -15.68 -11.47 -73.63
C LYS I 126 -15.70 -11.12 -75.12
N GLY I 127 -14.52 -10.89 -75.69
CA GLY I 127 -14.46 -10.53 -77.10
C GLY I 127 -15.07 -9.17 -77.39
N ILE I 128 -14.72 -8.15 -76.59
CA ILE I 128 -15.19 -6.78 -76.74
C ILE I 128 -14.01 -5.87 -76.46
N SER I 129 -13.46 -5.24 -77.50
CA SER I 129 -12.32 -4.35 -77.31
C SER I 129 -12.53 -3.47 -76.08
N LEU I 130 -11.49 -3.34 -75.27
CA LEU I 130 -11.59 -2.52 -74.08
C LEU I 130 -11.93 -1.09 -74.44
N LEU I 131 -11.15 -0.48 -75.33
CA LEU I 131 -11.41 0.91 -75.73
C LEU I 131 -12.92 1.10 -75.90
N ALA I 132 -13.55 0.14 -76.58
CA ALA I 132 -14.99 0.17 -76.81
C ALA I 132 -15.76 0.30 -75.50
N LEU I 133 -15.36 -0.47 -74.49
CA LEU I 133 -16.02 -0.44 -73.20
C LEU I 133 -15.62 0.83 -72.44
N PHE I 134 -14.52 1.45 -72.85
CA PHE I 134 -14.04 2.65 -72.17
C PHE I 134 -14.82 3.88 -72.56
N LYS I 135 -15.35 3.91 -73.77
CA LYS I 135 -16.12 5.05 -74.20
C LYS I 135 -17.58 4.68 -74.25
N GLY I 136 -18.37 5.30 -73.36
CA GLY I 136 -19.79 5.03 -73.25
C GLY I 136 -20.56 4.70 -74.52
N LYS I 137 -20.58 5.65 -75.45
CA LYS I 137 -21.29 5.49 -76.72
C LYS I 137 -20.87 4.29 -77.58
N LYS I 138 -19.99 3.42 -77.06
CA LYS I 138 -19.54 2.27 -77.85
C LYS I 138 -20.19 0.92 -77.53
N GLU I 139 -19.80 0.29 -76.42
CA GLU I 139 -20.33 -1.02 -76.06
C GLU I 139 -20.26 -1.37 -74.57
N LYS I 140 -21.12 -2.30 -74.14
CA LYS I 140 -21.17 -2.76 -72.75
C LYS I 140 -22.12 -3.95 -72.62
N ARG I 141 -21.77 -4.90 -71.74
CA ARG I 141 -22.60 -6.07 -71.51
C ARG I 141 -22.88 -6.32 -70.03
N THR J 1 -5.31 -1.93 -53.49
CA THR J 1 -6.79 -1.89 -53.28
C THR J 1 -7.48 -2.80 -54.28
N LEU J 2 -8.51 -2.25 -54.89
CA LEU J 2 -9.32 -2.91 -55.91
C LEU J 2 -10.53 -2.02 -56.02
N ALA J 3 -11.35 -2.02 -54.97
CA ALA J 3 -12.56 -1.21 -54.94
C ALA J 3 -12.23 0.25 -55.27
N LYS J 4 -10.95 0.57 -55.25
CA LYS J 4 -10.50 1.92 -55.54
C LYS J 4 -10.34 2.10 -57.06
N ALA J 5 -10.93 1.19 -57.82
CA ALA J 5 -10.86 1.20 -59.28
C ALA J 5 -11.52 2.41 -59.95
N GLY J 6 -10.77 3.11 -60.80
CA GLY J 6 -11.31 4.26 -61.50
C GLY J 6 -11.85 5.36 -60.59
N LYS J 7 -11.28 5.47 -59.40
CA LYS J 7 -11.68 6.49 -58.44
C LYS J 7 -11.81 7.84 -59.14
N VAL J 8 -10.82 8.16 -59.97
CA VAL J 8 -10.77 9.42 -60.70
C VAL J 8 -11.99 9.71 -61.57
N ARG J 9 -12.15 8.96 -62.65
CA ARG J 9 -13.28 9.15 -63.57
C ARG J 9 -14.66 9.25 -62.90
N LYS J 10 -14.90 8.39 -61.92
CA LYS J 10 -16.17 8.42 -61.20
C LYS J 10 -16.36 9.80 -60.58
N GLN J 11 -15.28 10.35 -60.00
CA GLN J 11 -15.31 11.67 -59.35
C GLN J 11 -15.34 12.87 -60.28
N THR J 12 -15.13 12.64 -61.58
CA THR J 12 -15.11 13.73 -62.55
C THR J 12 -16.48 14.21 -63.00
N PRO J 13 -16.73 15.52 -62.90
CA PRO J 13 -17.99 16.16 -63.30
C PRO J 13 -18.08 16.17 -64.83
N LYS J 14 -19.01 15.42 -65.40
CA LYS J 14 -19.12 15.39 -66.84
C LYS J 14 -19.60 16.68 -67.49
N VAL J 15 -18.66 17.41 -68.07
CA VAL J 15 -18.96 18.66 -68.75
C VAL J 15 -19.39 18.28 -70.17
N GLU J 16 -20.24 19.09 -70.79
CA GLU J 16 -20.70 18.82 -72.15
C GLU J 16 -19.91 19.58 -73.19
N LYS J 17 -20.00 19.13 -74.43
CA LYS J 17 -19.27 19.76 -75.51
C LYS J 17 -20.10 20.77 -76.29
N LYS J 18 -19.49 21.92 -76.57
CA LYS J 18 -20.13 23.02 -77.29
C LYS J 18 -20.72 22.58 -78.63
N ASP J 19 -22.01 22.26 -78.63
CA ASP J 19 -22.69 21.81 -79.84
C ASP J 19 -22.40 22.70 -81.05
N LYS J 20 -21.51 22.19 -81.90
CA LYS J 20 -21.06 22.84 -83.12
C LYS J 20 -21.92 24.02 -83.56
N PRO J 21 -21.37 25.25 -83.49
CA PRO J 21 -22.19 26.39 -83.92
C PRO J 21 -22.63 26.10 -85.35
N ARG J 22 -21.65 25.91 -86.23
CA ARG J 22 -21.93 25.60 -87.63
C ARG J 22 -21.43 24.23 -88.07
N LYS J 23 -20.24 24.20 -88.67
CA LYS J 23 -19.65 22.95 -89.15
C LYS J 23 -18.13 23.10 -89.31
N THR J 24 -17.44 21.96 -89.44
CA THR J 24 -15.99 21.97 -89.64
C THR J 24 -15.76 21.30 -90.99
N PRO J 25 -15.51 22.11 -92.05
CA PRO J 25 -15.27 21.59 -93.39
C PRO J 25 -14.18 20.52 -93.45
N LYS J 26 -14.59 19.32 -93.86
CA LYS J 26 -13.65 18.21 -93.98
C LYS J 26 -13.36 17.93 -95.45
N GLY J 27 -12.12 18.16 -95.84
CA GLY J 27 -11.71 17.93 -97.22
C GLY J 27 -10.66 18.96 -97.55
N ARG J 28 -10.42 19.18 -98.85
CA ARG J 28 -9.44 20.17 -99.29
C ARG J 28 -9.73 21.50 -98.62
N SER J 29 -10.96 21.63 -98.13
CA SER J 29 -11.41 22.85 -97.48
C SER J 29 -10.66 23.11 -96.19
N TYR J 30 -10.56 22.10 -95.33
CA TYR J 30 -9.88 22.25 -94.05
C TYR J 30 -8.41 22.60 -94.30
N LYS J 31 -7.77 21.84 -95.19
CA LYS J 31 -6.37 22.06 -95.53
C LYS J 31 -6.25 23.45 -96.14
N ARG J 32 -7.35 23.91 -96.75
CA ARG J 32 -7.35 25.24 -97.32
C ARG J 32 -7.33 26.28 -96.21
N ILE J 33 -8.29 26.20 -95.29
CA ILE J 33 -8.42 27.15 -94.18
C ILE J 33 -7.13 27.29 -93.43
N LEU J 34 -6.51 26.16 -93.16
CA LEU J 34 -5.26 26.15 -92.45
C LEU J 34 -4.25 26.95 -93.26
N TYR J 35 -4.12 26.61 -94.54
CA TYR J 35 -3.20 27.32 -95.42
C TYR J 35 -3.38 28.84 -95.26
N ASN J 36 -4.64 29.26 -95.19
CA ASN J 36 -4.99 30.67 -95.06
C ASN J 36 -4.71 31.28 -93.70
N ARG J 37 -5.06 30.57 -92.64
CA ARG J 37 -4.85 31.08 -91.30
C ARG J 37 -3.37 31.16 -90.93
N ARG J 38 -2.51 30.43 -91.64
CA ARG J 38 -1.10 30.46 -91.29
C ARG J 38 -0.06 30.72 -92.38
N TYR J 39 -0.14 29.98 -93.49
CA TYR J 39 0.84 30.14 -94.56
C TYR J 39 0.40 31.07 -95.68
N ALA J 40 -0.68 31.81 -95.43
CA ALA J 40 -1.17 32.78 -96.40
C ALA J 40 -0.17 33.93 -96.34
N PRO J 41 0.18 34.51 -97.49
CA PRO J 41 1.14 35.61 -97.59
C PRO J 41 1.12 36.78 -96.57
N HIS J 42 0.02 37.03 -95.86
CA HIS J 42 0.06 38.12 -94.90
C HIS J 42 0.83 37.76 -93.62
N ILE J 43 0.93 36.47 -93.32
CA ILE J 43 1.67 36.00 -92.13
C ILE J 43 3.14 35.70 -92.47
N LEU J 44 3.39 35.31 -93.72
CA LEU J 44 4.75 35.02 -94.19
C LEU J 44 5.33 36.39 -94.52
N ALA J 45 4.45 37.39 -94.46
CA ALA J 45 4.80 38.78 -94.73
C ALA J 45 5.55 39.36 -93.53
N THR J 46 4.89 39.40 -92.38
CA THR J 46 5.54 39.94 -91.19
C THR J 46 6.68 38.95 -90.86
N ASP J 47 7.70 39.44 -90.17
CA ASP J 47 8.87 38.63 -89.81
C ASP J 47 8.53 37.16 -89.59
N PRO J 48 9.44 36.26 -90.00
CA PRO J 48 9.20 34.82 -89.82
C PRO J 48 9.69 34.49 -88.42
N LYS J 49 10.30 35.50 -87.79
CA LYS J 49 10.86 35.39 -86.44
C LYS J 49 9.93 36.00 -85.38
N LYS J 50 8.92 36.75 -85.83
CA LYS J 50 7.98 37.40 -84.91
C LYS J 50 6.51 37.02 -85.15
N ARG J 51 6.27 35.88 -85.77
CA ARG J 51 4.92 35.42 -86.03
C ARG J 51 4.47 34.46 -84.94
N LYS J 52 3.21 34.64 -84.52
CA LYS J 52 2.57 33.88 -83.44
C LYS J 52 2.44 32.35 -83.49
N SER J 53 2.12 31.80 -82.32
CA SER J 53 1.94 30.35 -82.11
C SER J 53 0.57 29.90 -82.55
N PRO J 54 0.51 28.91 -83.46
CA PRO J 54 -0.75 28.36 -83.99
C PRO J 54 -1.75 27.91 -82.93
N ASN J 55 -1.51 28.26 -81.66
CA ASN J 55 -2.42 27.95 -80.55
C ASN J 55 -2.25 28.89 -79.34
N TRP J 56 -1.71 30.08 -79.58
CA TRP J 56 -1.58 31.06 -78.51
C TRP J 56 -3.04 31.49 -78.24
N HIS J 57 -3.88 31.24 -79.25
CA HIS J 57 -5.33 31.50 -79.22
C HIS J 57 -5.93 30.35 -78.41
N ALA J 58 -5.29 30.06 -77.28
CA ALA J 58 -5.71 28.95 -76.42
C ALA J 58 -7.23 28.95 -76.22
N GLY J 59 -7.90 29.89 -76.87
CA GLY J 59 -9.33 29.99 -76.76
C GLY J 59 -9.63 31.16 -75.85
N LYS J 60 -8.68 32.07 -75.75
CA LYS J 60 -8.80 33.24 -74.90
C LYS J 60 -9.63 34.35 -75.57
N LYS J 61 -10.88 34.49 -75.14
CA LYS J 61 -11.81 35.49 -75.66
C LYS J 61 -11.27 36.92 -75.64
N GLU J 62 -10.38 37.23 -74.69
CA GLU J 62 -9.81 38.57 -74.57
C GLU J 62 -8.70 38.87 -75.57
N LYS J 63 -7.91 37.85 -75.90
CA LYS J 63 -6.83 37.99 -76.89
C LYS J 63 -7.34 37.55 -78.26
N MET J 64 -8.51 36.91 -78.26
CA MET J 64 -9.16 36.40 -79.48
C MET J 64 -9.66 37.57 -80.33
N ASP J 65 -10.21 38.58 -79.66
CA ASP J 65 -10.72 39.79 -80.29
C ASP J 65 -9.62 40.82 -80.60
N ALA J 66 -8.63 40.91 -79.73
CA ALA J 66 -7.52 41.86 -79.90
C ALA J 66 -6.77 41.60 -81.21
N ALA J 67 -6.68 40.34 -81.60
CA ALA J 67 -6.01 39.94 -82.83
C ALA J 67 -6.88 40.24 -84.05
N ALA J 68 -8.13 39.78 -84.01
CA ALA J 68 -9.08 39.99 -85.12
C ALA J 68 -9.66 41.40 -85.08
N ILE O 1 70.63 -13.76 36.86
CA ILE O 1 69.84 -14.51 35.89
C ILE O 1 69.22 -15.78 36.51
N THR O 2 68.27 -15.57 37.42
CA THR O 2 67.63 -16.67 38.13
C THR O 2 68.52 -17.90 38.14
N SER O 3 69.67 -17.78 38.80
CA SER O 3 70.63 -18.87 38.89
C SER O 3 71.28 -18.88 40.27
N SER O 4 72.22 -19.80 40.46
CA SER O 4 72.92 -19.93 41.74
C SER O 4 73.39 -18.56 42.20
N GLN O 5 73.89 -17.76 41.25
CA GLN O 5 74.52 -16.48 41.54
C GLN O 5 73.63 -15.45 42.26
N VAL O 6 72.38 -15.81 42.50
CA VAL O 6 71.48 -14.92 43.23
C VAL O 6 72.07 -14.56 44.59
N ARG O 7 72.66 -15.56 45.24
CA ARG O 7 73.32 -15.37 46.52
C ARG O 7 74.73 -14.83 46.31
N GLU O 8 75.08 -14.52 45.07
CA GLU O 8 76.30 -13.79 44.77
C GLU O 8 75.94 -12.32 44.68
N HIS O 9 74.70 -12.06 44.32
CA HIS O 9 74.15 -10.71 44.38
C HIS O 9 73.72 -10.38 45.80
N VAL O 10 73.51 -11.43 46.60
CA VAL O 10 73.08 -11.27 47.99
C VAL O 10 74.18 -11.58 49.00
N LYS O 11 74.44 -12.87 49.22
CA LYS O 11 75.42 -13.31 50.21
C LYS O 11 76.82 -12.79 49.92
N GLU O 12 77.35 -13.11 48.74
CA GLU O 12 78.68 -12.66 48.34
C GLU O 12 78.69 -11.14 48.13
N LEU O 13 77.50 -10.58 47.92
CA LEU O 13 77.36 -9.14 47.77
C LEU O 13 76.56 -8.57 48.93
N LEU O 14 77.22 -8.45 50.09
CA LEU O 14 76.57 -7.94 51.30
C LEU O 14 77.58 -7.30 52.25
N LYS O 15 78.84 -7.28 51.84
CA LYS O 15 79.90 -6.69 52.65
C LYS O 15 81.05 -6.22 51.75
N TYR O 16 80.70 -5.66 50.60
CA TYR O 16 81.69 -5.22 49.62
C TYR O 16 82.41 -3.96 50.07
N SER O 17 81.64 -2.96 50.48
CA SER O 17 82.19 -1.70 50.95
C SER O 17 83.17 -1.09 49.94
N ASN O 18 84.02 -0.19 50.41
CA ASN O 18 85.00 0.46 49.56
C ASN O 18 86.12 1.12 50.36
N GLU O 19 86.49 0.50 51.48
CA GLU O 19 87.54 1.04 52.34
C GLU O 19 88.15 0.00 53.29
N THR O 20 87.85 0.15 54.58
CA THR O 20 88.48 -0.68 55.61
C THR O 20 87.56 -1.77 56.18
N LYS O 21 87.49 -1.84 57.50
CA LYS O 21 86.73 -2.90 58.19
C LYS O 21 85.32 -3.08 57.64
N LYS O 22 84.37 -2.35 58.19
CA LYS O 22 82.98 -2.44 57.74
C LYS O 22 82.07 -1.38 58.39
N ARG O 23 82.67 -0.33 58.94
CA ARG O 23 81.96 0.81 59.51
C ARG O 23 81.56 0.65 60.98
N ASN O 24 80.44 1.26 61.37
CA ASN O 24 79.96 1.20 62.74
C ASN O 24 78.50 1.67 62.91
N PHE O 25 77.81 1.89 61.79
CA PHE O 25 76.42 2.33 61.82
C PHE O 25 75.50 1.37 61.09
N LEU O 26 74.19 1.61 61.19
CA LEU O 26 73.17 0.71 60.66
C LEU O 26 73.31 0.44 59.16
N GLU O 27 72.55 -0.53 58.66
CA GLU O 27 72.62 -0.94 57.26
C GLU O 27 71.37 -0.54 56.46
N THR O 28 71.37 -0.85 55.16
CA THR O 28 70.26 -0.49 54.28
C THR O 28 70.29 -1.24 52.95
N VAL O 29 69.63 -2.38 52.91
CA VAL O 29 69.60 -3.21 51.70
C VAL O 29 68.19 -3.35 51.13
N GLU O 30 68.08 -4.02 49.98
CA GLU O 30 66.79 -4.24 49.33
C GLU O 30 66.90 -5.24 48.18
N LEU O 31 66.02 -5.11 47.18
CA LEU O 31 66.02 -6.02 46.04
C LEU O 31 65.21 -5.42 44.90
N GLN O 32 65.92 -4.84 43.93
CA GLN O 32 65.26 -4.08 42.87
C GLN O 32 64.50 -4.93 41.86
N VAL O 33 63.45 -4.34 41.29
CA VAL O 33 62.61 -5.00 40.29
C VAL O 33 61.73 -3.98 39.55
N GLY O 34 60.41 -4.14 39.66
CA GLY O 34 59.48 -3.25 38.98
C GLY O 34 58.02 -3.35 39.44
N LEU O 35 57.11 -3.18 38.49
CA LEU O 35 55.67 -3.22 38.79
C LEU O 35 54.92 -4.20 37.90
N LYS O 36 55.29 -4.22 36.61
CA LYS O 36 54.71 -5.14 35.63
C LYS O 36 55.08 -4.72 34.22
N ASN O 37 55.47 -3.46 34.07
CA ASN O 37 55.89 -2.90 32.78
C ASN O 37 54.79 -2.98 31.72
N TYR O 38 53.57 -3.30 32.15
CA TYR O 38 52.45 -3.42 31.24
C TYR O 38 52.15 -2.10 30.55
N ASP O 39 51.35 -1.26 31.21
CA ASP O 39 51.00 0.05 30.66
C ASP O 39 50.23 0.85 31.70
N PRO O 40 50.26 0.39 32.94
CA PRO O 40 49.57 1.07 34.04
C PRO O 40 48.10 1.31 33.73
N GLN O 41 47.39 0.24 33.37
CA GLN O 41 45.98 0.34 33.04
C GLN O 41 45.31 -1.03 32.92
N ARG O 42 45.33 -1.59 31.72
CA ARG O 42 44.66 -2.85 31.42
C ARG O 42 44.86 -3.90 32.51
N ASP O 43 46.06 -4.47 32.58
CA ASP O 43 46.36 -5.51 33.57
C ASP O 43 47.85 -5.51 33.93
N LYS O 44 48.15 -5.54 35.22
CA LYS O 44 49.53 -5.54 35.69
C LYS O 44 49.65 -5.80 37.19
N ARG O 45 48.52 -5.75 37.90
CA ARG O 45 48.49 -5.92 39.35
C ARG O 45 47.11 -6.29 39.92
N PHE O 46 47.06 -6.49 41.23
CA PHE O 46 45.83 -6.89 41.91
C PHE O 46 45.90 -6.65 43.42
N SER O 47 46.19 -7.70 44.17
CA SER O 47 46.26 -7.61 45.62
C SER O 47 47.07 -8.74 46.24
N GLY O 48 47.75 -8.44 47.34
CA GLY O 48 48.58 -9.42 48.03
C GLY O 48 50.01 -8.94 48.23
N SER O 49 50.46 -8.89 49.47
CA SER O 49 51.81 -8.42 49.79
C SER O 49 52.83 -9.56 49.71
N LEU O 50 54.11 -9.22 49.80
CA LEU O 50 55.17 -10.23 49.65
C LEU O 50 55.62 -10.87 50.97
N LYS O 51 56.43 -10.18 51.79
CA LYS O 51 57.02 -8.87 51.52
C LYS O 51 58.53 -9.09 51.47
N LEU O 52 59.36 -8.11 51.09
CA LEU O 52 59.03 -6.71 50.74
C LEU O 52 58.97 -5.79 51.96
N PRO O 53 57.94 -4.96 52.02
CA PRO O 53 57.74 -4.01 53.13
C PRO O 53 58.65 -2.78 53.03
N ASN O 54 58.01 -1.62 52.85
CA ASN O 54 58.71 -0.34 52.79
C ASN O 54 57.72 0.81 52.73
N CYS O 55 58.05 1.84 51.96
CA CYS O 55 57.16 2.99 51.80
C CYS O 55 57.69 3.94 50.72
N PRO O 56 58.19 5.09 51.15
CA PRO O 56 58.62 6.12 50.22
C PRO O 56 60.08 5.98 49.80
N ARG O 57 60.98 6.41 50.68
CA ARG O 57 62.42 6.53 50.41
C ARG O 57 62.77 7.97 50.02
N PRO O 58 61.83 8.64 49.36
CA PRO O 58 61.99 10.04 48.97
C PRO O 58 60.76 10.56 48.23
N ASN O 59 60.00 11.43 48.90
CA ASN O 59 58.80 12.03 48.33
C ASN O 59 57.72 10.99 48.02
N MET O 60 56.49 11.46 47.79
CA MET O 60 55.38 10.55 47.53
C MET O 60 54.22 11.22 46.78
N SER O 61 54.32 12.51 46.53
CA SER O 61 53.30 13.22 45.76
C SER O 61 53.04 12.47 44.46
N ILE O 62 51.85 11.90 44.32
CA ILE O 62 51.52 11.04 43.18
C ILE O 62 50.48 11.67 42.24
N CYS O 63 49.22 11.25 42.40
CA CYS O 63 48.15 11.73 41.52
C CYS O 63 46.74 11.46 42.09
N ILE O 64 45.93 12.51 42.14
CA ILE O 64 44.54 12.39 42.59
C ILE O 64 43.78 13.70 42.35
N PHE O 65 42.82 13.65 41.43
CA PHE O 65 42.02 14.84 41.10
C PHE O 65 40.92 14.53 40.10
N GLY O 66 39.94 15.44 40.01
CA GLY O 66 38.82 15.28 39.10
C GLY O 66 37.88 16.47 39.15
N ASP O 67 37.28 16.70 40.32
CA ASP O 67 36.36 17.80 40.51
C ASP O 67 36.85 18.76 41.59
N ALA O 68 36.05 19.79 41.90
CA ALA O 68 36.41 20.76 42.92
C ALA O 68 36.52 20.10 44.29
N PHE O 69 36.08 18.84 44.36
CA PHE O 69 36.11 18.08 45.59
C PHE O 69 37.33 17.16 45.64
N ASP O 70 38.10 17.14 44.55
CA ASP O 70 39.29 16.30 44.46
C ASP O 70 40.51 17.03 45.01
N VAL O 71 40.37 18.34 45.18
CA VAL O 71 41.44 19.15 45.77
C VAL O 71 41.61 18.79 47.24
N ASP O 72 40.51 18.77 47.97
CA ASP O 72 40.52 18.34 49.36
C ASP O 72 40.89 16.87 49.42
N ARG O 73 40.86 16.23 48.25
CA ARG O 73 41.35 14.86 48.11
C ARG O 73 42.84 14.93 47.80
N ALA O 74 43.48 15.98 48.29
CA ALA O 74 44.92 16.19 48.12
C ALA O 74 45.37 17.39 48.94
N LYS O 75 44.62 17.73 49.98
CA LYS O 75 44.90 18.90 50.82
C LYS O 75 45.61 18.53 52.12
N SER O 76 45.02 17.61 52.88
CA SER O 76 45.63 17.15 54.13
C SER O 76 46.76 16.16 53.84
N CYS O 77 47.28 16.21 52.61
CA CYS O 77 48.37 15.33 52.20
C CYS O 77 49.27 16.04 51.18
N GLY O 78 49.07 15.74 49.90
CA GLY O 78 49.84 16.38 48.85
C GLY O 78 49.86 15.61 47.54
N VAL O 79 49.20 16.15 46.52
CA VAL O 79 49.11 15.49 45.22
C VAL O 79 49.08 16.48 44.05
N ASP O 80 48.68 15.99 42.88
CA ASP O 80 48.64 16.80 41.66
C ASP O 80 47.21 17.21 41.30
N ALA O 81 47.09 18.16 40.37
CA ALA O 81 45.78 18.71 40.00
C ALA O 81 45.37 18.37 38.58
N MET O 82 44.10 18.01 38.42
CA MET O 82 43.53 17.67 37.11
C MET O 82 42.80 18.86 36.52
N SER O 83 42.49 19.83 37.39
CA SER O 83 41.78 21.03 36.99
C SER O 83 40.34 20.73 36.60
N VAL O 84 39.54 21.79 36.52
CA VAL O 84 38.15 21.67 36.11
C VAL O 84 37.96 22.12 34.66
N ASP O 85 38.27 23.39 34.41
CA ASP O 85 38.17 23.95 33.06
C ASP O 85 39.45 23.69 32.27
N ASP O 86 39.81 22.41 32.13
CA ASP O 86 41.00 22.02 31.40
C ASP O 86 40.79 20.74 30.60
N LEU O 87 39.83 19.92 31.02
CA LEU O 87 39.49 18.70 30.31
C LEU O 87 38.78 19.00 29.00
N LYS O 88 38.61 20.29 28.72
CA LYS O 88 38.00 20.75 27.49
C LYS O 88 38.93 21.71 26.76
N LYS O 89 40.21 21.64 27.10
CA LYS O 89 41.20 22.54 26.51
C LYS O 89 42.64 22.04 26.69
N LEU O 90 43.02 21.81 27.95
CA LEU O 90 44.37 21.38 28.28
C LEU O 90 44.50 20.79 29.69
N ASN O 91 44.01 19.56 29.86
CA ASN O 91 44.24 18.80 31.08
C ASN O 91 44.82 17.46 30.70
N LYS O 92 45.21 17.33 29.43
CA LYS O 92 45.73 16.09 28.89
C LYS O 92 46.16 16.24 27.42
N ASN O 93 47.28 15.60 27.08
CA ASN O 93 47.78 15.61 25.70
C ASN O 93 49.11 14.87 25.61
N LYS O 94 50.10 15.38 26.34
CA LYS O 94 51.43 14.77 26.37
C LYS O 94 52.16 15.18 27.66
N LYS O 95 52.44 16.47 27.81
CA LYS O 95 53.03 16.99 29.03
C LYS O 95 51.92 17.51 29.94
N LEU O 96 50.68 17.32 29.52
CA LEU O 96 49.52 17.77 30.26
C LEU O 96 48.97 16.68 31.16
N ILE O 97 48.32 15.68 30.56
CA ILE O 97 47.82 14.55 31.33
C ILE O 97 48.94 14.02 32.20
N LYS O 98 50.16 14.13 31.67
CA LYS O 98 51.36 13.83 32.44
C LYS O 98 51.26 14.56 33.77
N LYS O 99 51.51 15.87 33.74
CA LYS O 99 51.44 16.71 34.93
C LYS O 99 50.65 16.11 36.10
N LEU O 100 49.37 15.83 35.86
CA LEU O 100 48.49 15.33 36.92
C LEU O 100 48.72 13.86 37.22
N SER O 101 49.05 13.09 36.19
CA SER O 101 49.23 11.65 36.34
C SER O 101 50.70 11.23 36.29
N LYS O 102 51.59 12.21 36.15
CA LYS O 102 53.02 11.93 36.00
C LYS O 102 53.83 12.45 37.18
N LYS O 103 54.00 11.61 38.20
CA LYS O 103 54.77 11.96 39.39
C LYS O 103 55.89 10.96 39.65
N TYR O 104 55.53 9.84 40.26
CA TYR O 104 56.48 8.78 40.54
C TYR O 104 55.74 7.51 40.93
N ASN O 105 54.82 7.66 41.88
CA ASN O 105 54.04 6.53 42.39
C ASN O 105 53.12 5.95 41.33
N ALA O 106 51.97 6.60 41.13
CA ALA O 106 50.98 6.16 40.16
C ALA O 106 49.78 7.09 40.12
N PHE O 107 48.70 6.68 40.77
CA PHE O 107 47.47 7.46 40.83
C PHE O 107 46.52 6.90 41.88
N ILE O 108 45.73 7.79 42.49
CA ILE O 108 44.78 7.39 43.53
C ILE O 108 43.52 8.25 43.51
N ALA O 109 43.21 8.80 42.35
CA ALA O 109 42.01 9.62 42.18
C ALA O 109 40.79 8.75 41.93
N SER O 110 39.71 9.37 41.48
CA SER O 110 38.47 8.66 41.18
C SER O 110 38.22 8.59 39.67
N GLU O 111 36.96 8.67 39.27
CA GLU O 111 36.59 8.54 37.86
C GLU O 111 35.51 9.53 37.42
N VAL O 112 35.61 9.99 36.18
CA VAL O 112 34.66 10.92 35.58
C VAL O 112 35.20 11.39 34.24
N LEU O 113 34.69 10.83 33.15
CA LEU O 113 35.24 11.11 31.82
C LEU O 113 34.19 11.29 30.71
N ILE O 114 33.29 10.32 30.59
CA ILE O 114 32.30 10.29 29.51
C ILE O 114 32.88 9.82 28.18
N LYS O 115 32.63 10.56 27.10
CA LYS O 115 33.07 10.14 25.77
C LYS O 115 34.46 10.65 25.39
N GLN O 116 35.31 10.86 26.40
CA GLN O 116 36.64 11.41 26.15
C GLN O 116 37.73 10.68 26.93
N VAL O 117 38.40 9.73 26.27
CA VAL O 117 39.51 8.99 26.87
C VAL O 117 40.18 7.99 25.92
N PRO O 118 39.94 8.13 24.62
CA PRO O 118 40.53 7.24 23.63
C PRO O 118 41.75 7.89 22.97
N ARG O 119 42.08 9.09 23.41
CA ARG O 119 43.24 9.82 22.91
C ARG O 119 43.33 11.22 23.52
N LEU O 120 43.33 11.30 24.84
CA LEU O 120 43.43 12.59 25.54
C LEU O 120 43.64 12.42 27.04
N LEU O 121 42.59 12.65 27.82
CA LEU O 121 42.66 12.59 29.27
C LEU O 121 43.09 11.21 29.77
N GLY O 122 42.10 10.34 30.00
CA GLY O 122 42.35 9.00 30.50
C GLY O 122 43.37 8.26 29.65
N PRO O 123 43.34 8.50 28.35
CA PRO O 123 44.26 7.84 27.43
C PRO O 123 45.70 8.26 27.69
N GLN O 124 46.16 9.27 26.95
CA GLN O 124 47.54 9.73 27.02
C GLN O 124 48.04 9.92 28.46
N LEU O 125 48.56 8.85 29.05
CA LEU O 125 49.08 8.88 30.42
C LEU O 125 49.37 7.47 30.92
N SER O 126 48.65 6.49 30.37
CA SER O 126 48.75 5.11 30.81
C SER O 126 50.16 4.65 31.13
N LYS O 127 50.84 4.08 30.14
CA LYS O 127 52.20 3.58 30.33
C LYS O 127 53.14 4.72 30.70
N ALA O 128 52.68 5.95 30.56
CA ALA O 128 53.45 7.10 30.99
C ALA O 128 53.64 7.02 32.51
N GLY O 129 52.56 6.73 33.22
CA GLY O 129 52.62 6.57 34.66
C GLY O 129 51.29 6.59 35.38
N LYS O 130 50.18 6.46 34.65
CA LYS O 130 48.85 6.43 35.26
C LYS O 130 47.71 6.29 34.24
N PHE O 131 46.66 5.57 34.66
CA PHE O 131 45.46 5.40 33.83
C PHE O 131 44.33 4.73 34.61
N PRO O 132 43.93 5.35 35.72
CA PRO O 132 42.83 4.85 36.54
C PRO O 132 43.09 3.46 37.11
N THR O 133 43.75 3.41 38.27
CA THR O 133 44.07 2.15 38.92
C THR O 133 43.18 1.90 40.14
N PRO O 134 43.51 0.85 40.90
CA PRO O 134 42.72 0.47 42.07
C PRO O 134 43.23 1.14 43.33
N VAL O 135 42.64 2.27 43.68
CA VAL O 135 43.00 2.99 44.89
C VAL O 135 41.78 3.27 45.77
N SER O 136 40.91 2.27 45.88
CA SER O 136 39.66 2.38 46.64
C SER O 136 39.09 3.79 46.64
N HIS O 137 39.02 4.40 45.46
CA HIS O 137 38.51 5.76 45.34
C HIS O 137 37.01 5.81 45.58
N ASN O 138 36.63 6.10 46.82
CA ASN O 138 35.23 6.20 47.19
C ASN O 138 35.06 7.04 48.46
N ASP O 139 35.91 6.77 49.45
CA ASP O 139 35.94 7.57 50.66
C ASP O 139 36.93 8.72 50.49
N ASP O 140 37.99 8.48 49.73
CA ASP O 140 38.98 9.51 49.36
C ASP O 140 40.21 8.90 48.70
N LEU O 141 41.38 9.33 49.17
CA LEU O 141 42.65 8.81 48.66
C LEU O 141 43.72 8.78 49.76
N TYR O 142 43.33 8.29 50.93
CA TYR O 142 44.23 8.22 52.08
C TYR O 142 44.25 6.83 52.71
N GLY O 143 43.07 6.30 53.01
CA GLY O 143 42.96 4.97 53.57
C GLY O 143 43.47 3.94 52.58
N LYS O 144 43.09 4.12 51.32
CA LYS O 144 43.63 3.31 50.24
C LYS O 144 44.98 3.86 49.82
N VAL O 145 45.35 5.00 50.42
CA VAL O 145 46.68 5.54 50.23
C VAL O 145 47.63 4.90 51.23
N THR O 146 47.12 3.89 51.94
CA THR O 146 47.98 2.95 52.64
C THR O 146 48.60 2.12 51.52
N ASP O 147 47.92 2.15 50.37
CA ASP O 147 48.45 1.64 49.12
C ASP O 147 48.84 2.84 48.26
N VAL O 148 49.49 3.81 48.89
CA VAL O 148 49.95 5.02 48.19
C VAL O 148 50.65 6.02 49.13
N ARG O 149 51.35 5.49 50.13
CA ARG O 149 52.10 6.32 51.06
C ARG O 149 53.01 5.49 51.97
N SER O 150 52.40 4.71 52.86
CA SER O 150 53.15 3.87 53.78
C SER O 150 52.42 2.57 54.08
N THR O 151 53.17 1.49 54.21
CA THR O 151 52.61 0.18 54.52
C THR O 151 51.55 -0.27 53.51
N ILE O 152 51.95 -0.95 52.43
CA ILE O 152 53.34 -1.33 52.11
C ILE O 152 53.99 -2.30 53.09
N LYS O 153 54.27 -3.54 52.66
CA LYS O 153 54.05 -4.01 51.30
C LYS O 153 54.83 -3.20 50.25
N PHE O 154 54.32 -3.20 49.01
CA PHE O 154 54.98 -2.48 47.93
C PHE O 154 54.09 -2.32 46.70
N GLN O 155 53.13 -1.40 46.80
CA GLN O 155 52.25 -1.09 45.68
C GLN O 155 53.10 -0.67 44.48
N LEU O 156 53.13 -1.51 43.45
CA LEU O 156 53.97 -1.26 42.29
C LEU O 156 53.13 -0.93 41.04
N LYS O 157 53.03 0.37 40.72
CA LYS O 157 52.24 0.82 39.59
C LYS O 157 52.93 1.93 38.80
N LYS O 158 52.17 2.57 37.90
CA LYS O 158 52.68 3.65 37.06
C LYS O 158 53.83 3.20 36.17
N VAL O 159 55.02 3.70 36.47
CA VAL O 159 56.22 3.35 35.72
C VAL O 159 57.20 2.59 36.61
N LEU O 160 57.27 1.28 36.42
CA LEU O 160 58.13 0.42 37.22
C LEU O 160 57.83 0.57 38.71
N CYS O 161 58.87 0.68 39.53
CA CYS O 161 58.76 0.97 40.96
C CYS O 161 58.27 -0.19 41.82
N LEU O 162 58.86 -0.31 43.01
CA LEU O 162 58.50 -1.34 43.99
C LEU O 162 59.44 -1.25 45.21
N ALA O 163 59.45 -2.31 46.02
CA ALA O 163 60.29 -2.31 47.24
C ALA O 163 60.78 -3.70 47.65
N VAL O 164 61.53 -3.74 48.75
CA VAL O 164 62.10 -4.99 49.26
C VAL O 164 62.79 -4.78 50.61
N ALA O 165 62.96 -5.87 51.36
CA ALA O 165 63.64 -5.83 52.65
C ALA O 165 63.59 -7.20 53.35
N VAL O 166 64.53 -7.46 54.26
CA VAL O 166 64.53 -8.70 55.04
C VAL O 166 65.27 -8.55 56.36
N GLY O 167 66.55 -8.22 56.30
CA GLY O 167 67.38 -8.10 57.48
C GLY O 167 68.04 -6.75 57.62
N ASN O 168 69.16 -6.71 58.35
CA ASN O 168 69.85 -5.45 58.62
C ASN O 168 71.22 -5.39 57.96
N VAL O 169 72.25 -5.77 58.71
CA VAL O 169 73.63 -5.71 58.23
C VAL O 169 74.07 -7.01 57.57
N GLU O 170 74.31 -8.05 58.37
CA GLU O 170 74.79 -9.32 57.84
C GLU O 170 74.28 -10.54 58.63
N MET O 171 73.36 -11.28 58.01
CA MET O 171 72.81 -12.49 58.62
C MET O 171 71.86 -13.21 57.66
N GLU O 172 72.06 -13.03 56.36
CA GLU O 172 71.21 -13.64 55.35
C GLU O 172 71.99 -14.10 54.11
N GLU O 173 71.61 -15.26 53.58
CA GLU O 173 72.26 -15.82 52.40
C GLU O 173 71.26 -16.45 51.43
N ASP O 174 71.00 -17.74 51.61
CA ASP O 174 69.99 -18.43 50.81
C ASP O 174 68.67 -17.70 50.97
N VAL O 175 68.45 -17.16 52.17
CA VAL O 175 67.25 -16.39 52.47
C VAL O 175 67.51 -14.90 52.29
N LEU O 176 68.68 -14.55 51.76
CA LEU O 176 68.99 -13.18 51.40
C LEU O 176 68.53 -12.94 49.97
N VAL O 177 69.00 -13.79 49.07
CA VAL O 177 68.51 -13.77 47.69
C VAL O 177 67.09 -14.32 47.73
N ASN O 178 66.90 -15.37 48.51
CA ASN O 178 65.58 -15.93 48.72
C ASN O 178 64.76 -15.03 49.63
N GLN O 179 65.37 -13.94 50.08
CA GLN O 179 64.65 -12.90 50.80
C GLN O 179 64.25 -11.81 49.82
N ILE O 180 65.06 -11.66 48.78
CA ILE O 180 64.77 -10.73 47.70
C ILE O 180 63.58 -11.23 46.90
N LEU O 181 63.57 -12.54 46.67
CA LEU O 181 62.41 -13.17 46.04
C LEU O 181 61.20 -13.01 46.94
N MET O 182 61.38 -13.31 48.22
CA MET O 182 60.33 -13.09 49.21
C MET O 182 59.91 -11.64 49.15
N SER O 183 60.86 -10.77 48.82
CA SER O 183 60.58 -9.37 48.59
C SER O 183 60.04 -9.21 47.17
N VAL O 184 59.11 -10.09 46.82
CA VAL O 184 58.49 -10.10 45.51
C VAL O 184 57.33 -11.09 45.54
N ASN O 185 56.17 -10.67 45.04
CA ASN O 185 54.98 -11.51 45.04
C ASN O 185 54.14 -11.28 43.80
N PHE O 186 53.06 -10.51 43.95
CA PHE O 186 52.23 -10.13 42.80
C PHE O 186 53.01 -9.15 41.92
N PHE O 187 54.34 -9.20 42.05
CA PHE O 187 55.24 -8.38 41.25
C PHE O 187 56.31 -9.26 40.59
N VAL O 188 56.50 -10.46 41.12
CA VAL O 188 57.40 -11.44 40.49
C VAL O 188 56.58 -12.55 39.80
N SER O 189 55.39 -12.79 40.32
CA SER O 189 54.46 -13.78 39.75
C SER O 189 53.02 -13.44 40.13
N LEU O 190 52.07 -14.27 39.69
CA LEU O 190 50.66 -14.04 40.01
C LEU O 190 49.76 -15.20 39.59
N LEU O 191 48.67 -14.87 38.90
CA LEU O 191 47.68 -15.87 38.47
C LEU O 191 48.19 -16.72 37.31
N LYS O 192 47.38 -16.84 36.27
CA LYS O 192 47.73 -17.68 35.12
C LYS O 192 49.09 -17.32 34.53
N LYS O 193 50.09 -18.14 34.82
CA LYS O 193 51.43 -17.95 34.28
C LYS O 193 52.01 -16.57 34.58
N ASN O 194 53.09 -16.53 35.35
CA ASN O 194 53.72 -15.27 35.71
C ASN O 194 55.06 -15.41 36.44
N TRP O 195 55.71 -16.57 36.29
CA TRP O 195 56.97 -16.81 36.98
C TRP O 195 58.11 -15.91 36.50
N GLN O 196 57.87 -15.22 35.39
CA GLN O 196 58.88 -14.30 34.82
C GLN O 196 58.35 -13.56 33.58
N ASN O 197 58.69 -12.28 33.47
CA ASN O 197 58.25 -11.47 32.34
C ASN O 197 59.08 -10.19 32.20
N VAL O 198 60.37 -10.33 31.93
CA VAL O 198 61.27 -9.19 31.81
C VAL O 198 62.54 -9.51 31.01
N GLY O 199 63.68 -9.13 31.57
CA GLY O 199 64.97 -9.36 30.93
C GLY O 199 66.12 -9.28 31.92
N SER O 200 66.09 -8.26 32.77
CA SER O 200 67.11 -8.06 33.80
C SER O 200 66.66 -7.02 34.81
N LEU O 201 67.61 -6.46 35.54
CA LEU O 201 67.33 -5.42 36.54
C LEU O 201 68.58 -5.00 37.29
N VAL O 202 68.44 -4.75 38.59
CA VAL O 202 69.55 -4.35 39.44
C VAL O 202 69.26 -4.63 40.91
N VAL O 203 70.25 -4.39 41.76
CA VAL O 203 70.12 -4.57 43.21
C VAL O 203 71.46 -4.40 43.94
N LYS O 204 71.40 -4.22 45.25
CA LYS O 204 72.58 -4.06 46.08
C LYS O 204 72.24 -3.79 47.55
N SER O 205 72.41 -2.54 47.96
CA SER O 205 72.16 -2.11 49.33
C SER O 205 72.79 -0.73 49.52
N SER O 206 74.08 -0.67 49.18
CA SER O 206 74.86 0.55 49.28
C SER O 206 76.28 0.20 48.87
N MET O 207 76.59 -1.09 48.96
CA MET O 207 77.92 -1.60 48.63
C MET O 207 78.28 -1.36 47.18
N GLY O 208 78.22 -2.42 46.39
CA GLY O 208 78.55 -2.35 44.98
C GLY O 208 77.85 -3.44 44.19
N PRO O 209 76.92 -3.03 43.34
CA PRO O 209 76.21 -3.95 42.44
C PRO O 209 75.60 -5.14 43.17
N ALA O 210 75.30 -6.18 42.40
CA ALA O 210 74.74 -7.41 42.95
C ALA O 210 75.03 -8.56 42.00
N PHE O 211 74.09 -8.83 41.10
CA PHE O 211 74.29 -9.84 40.08
C PHE O 211 75.06 -9.24 38.91
N ARG O 212 76.17 -9.86 38.53
CA ARG O 212 77.04 -9.33 37.48
C ARG O 212 76.67 -9.84 36.08
N LEU O 213 75.46 -10.38 35.96
CA LEU O 213 74.97 -10.90 34.67
C LEU O 213 74.61 -9.77 33.72
N ARG P 1 -20.80 -42.12 -12.38
CA ARG P 1 -19.68 -41.72 -11.54
C ARG P 1 -18.63 -42.84 -11.36
N ARG P 2 -19.00 -43.82 -10.53
CA ARG P 2 -18.33 -45.12 -10.39
C ARG P 2 -19.41 -46.16 -10.09
N PRO P 3 -20.61 -45.89 -10.60
CA PRO P 3 -21.78 -46.69 -10.38
C PRO P 3 -22.18 -46.58 -8.92
N ALA P 4 -23.30 -47.23 -8.55
CA ALA P 4 -23.73 -47.42 -7.12
C ALA P 4 -23.37 -48.81 -6.55
N ARG P 5 -22.06 -49.00 -6.41
CA ARG P 5 -21.46 -50.17 -5.81
C ARG P 5 -20.93 -49.77 -4.43
N CYS P 6 -20.22 -48.64 -4.38
CA CYS P 6 -19.99 -47.97 -3.11
C CYS P 6 -21.36 -47.48 -2.66
N TYR P 7 -22.32 -48.40 -2.70
CA TYR P 7 -23.75 -48.14 -2.49
C TYR P 7 -24.25 -48.74 -1.17
N ARG P 8 -25.58 -48.85 -1.06
CA ARG P 8 -26.28 -49.03 0.23
C ARG P 8 -25.90 -50.24 1.11
N TYR P 9 -25.35 -49.96 2.30
CA TYR P 9 -24.90 -50.99 3.25
C TYR P 9 -24.39 -50.47 4.59
N GLN P 10 -23.08 -50.55 4.78
CA GLN P 10 -22.45 -50.30 6.07
C GLN P 10 -20.92 -50.39 5.99
N LYS P 11 -20.40 -51.62 5.91
CA LYS P 11 -18.98 -51.94 5.66
C LYS P 11 -17.95 -50.95 6.20
N ASN P 12 -18.38 -50.20 7.20
CA ASN P 12 -17.72 -48.98 7.60
C ASN P 12 -18.73 -48.22 8.43
N LYS P 13 -18.38 -47.94 9.68
CA LYS P 13 -19.34 -47.46 10.65
C LYS P 13 -20.06 -46.23 10.10
N PRO P 14 -19.41 -45.09 10.20
CA PRO P 14 -19.99 -43.87 9.69
C PRO P 14 -18.90 -42.80 9.67
N TYR P 15 -18.17 -42.67 8.57
CA TYR P 15 -17.04 -41.71 8.49
C TYR P 15 -17.51 -40.33 8.15
N PRO P 16 -18.26 -39.69 9.05
CA PRO P 16 -18.83 -38.37 8.80
C PRO P 16 -17.71 -37.37 8.46
N LYS P 17 -16.50 -37.90 8.37
CA LYS P 17 -15.37 -37.28 7.71
C LYS P 17 -15.26 -35.77 7.86
N SER P 18 -15.66 -35.27 9.02
CA SER P 18 -15.44 -33.87 9.34
C SER P 18 -14.01 -33.73 9.85
N ARG P 19 -13.87 -33.01 10.96
CA ARG P 19 -12.57 -32.64 11.51
C ARG P 19 -11.47 -33.64 11.21
N TYR P 20 -11.83 -34.92 11.11
CA TYR P 20 -10.84 -35.96 11.03
C TYR P 20 -10.53 -36.39 9.60
N ASN P 21 -11.50 -36.27 8.71
CA ASN P 21 -11.25 -36.60 7.31
C ASN P 21 -11.39 -35.35 6.45
N ARG P 22 -10.36 -34.51 6.48
CA ARG P 22 -10.38 -33.26 5.75
C ARG P 22 -10.07 -33.48 4.26
N ALA P 23 -11.10 -33.30 3.42
CA ALA P 23 -11.03 -33.37 1.94
C ALA P 23 -12.36 -33.82 1.35
N VAL P 24 -13.38 -33.83 2.19
CA VAL P 24 -14.73 -34.16 1.76
C VAL P 24 -15.05 -33.47 0.45
N PRO P 25 -14.95 -34.20 -0.64
CA PRO P 25 -15.42 -33.70 -1.92
C PRO P 25 -16.81 -33.09 -1.74
N ASP P 26 -16.88 -31.76 -1.76
CA ASP P 26 -18.10 -31.03 -1.40
C ASP P 26 -19.39 -31.69 -1.89
N SER P 27 -20.48 -31.37 -1.21
CA SER P 27 -21.78 -32.04 -1.41
C SER P 27 -22.31 -32.14 -2.83
N LYS P 28 -23.63 -32.11 -2.95
CA LYS P 28 -24.28 -32.36 -4.21
C LYS P 28 -25.65 -31.73 -4.17
N ILE P 29 -26.25 -31.74 -2.99
CA ILE P 29 -27.57 -31.17 -2.81
C ILE P 29 -27.54 -30.05 -1.80
N ARG P 30 -27.07 -28.87 -2.25
CA ARG P 30 -27.10 -27.67 -1.40
C ARG P 30 -28.44 -26.95 -1.60
N ILE P 31 -29.51 -27.73 -1.71
CA ILE P 31 -30.90 -27.23 -1.69
C ILE P 31 -31.67 -27.92 -0.55
N TYR P 32 -32.88 -27.43 -0.28
CA TYR P 32 -33.70 -27.98 0.80
C TYR P 32 -34.93 -27.16 1.21
N ASP P 33 -35.98 -27.28 0.41
CA ASP P 33 -37.27 -26.65 0.64
C ASP P 33 -37.73 -26.20 -0.72
N LEU P 34 -36.75 -25.94 -1.60
CA LEU P 34 -36.96 -25.47 -2.96
C LEU P 34 -38.42 -25.51 -3.36
N GLY P 35 -39.11 -24.37 -3.22
CA GLY P 35 -40.54 -24.31 -3.39
C GLY P 35 -41.15 -23.00 -2.91
N LYS P 36 -42.41 -23.04 -2.49
CA LYS P 36 -43.14 -21.83 -2.14
C LYS P 36 -42.77 -21.32 -0.76
N LYS P 37 -41.46 -21.28 -0.47
CA LYS P 37 -40.92 -20.91 0.86
C LYS P 37 -41.65 -19.76 1.57
N LYS P 38 -41.08 -19.28 2.68
CA LYS P 38 -41.65 -18.15 3.40
C LYS P 38 -43.16 -18.29 3.51
N ALA P 39 -43.61 -19.54 3.52
CA ALA P 39 -45.02 -19.90 3.42
C ALA P 39 -45.91 -19.28 4.49
N THR P 40 -47.19 -19.62 4.42
CA THR P 40 -48.20 -19.09 5.33
C THR P 40 -48.26 -19.81 6.69
N VAL P 41 -47.92 -21.11 6.69
CA VAL P 41 -48.07 -22.01 7.84
C VAL P 41 -49.53 -22.18 8.21
N ASP P 42 -50.37 -21.37 7.54
CA ASP P 42 -51.76 -21.72 7.25
C ASP P 42 -51.65 -21.96 5.75
N GLU P 43 -52.70 -21.67 4.99
CA GLU P 43 -52.60 -21.83 3.54
C GLU P 43 -52.21 -23.24 3.10
N PHE P 44 -51.05 -23.38 2.43
CA PHE P 44 -50.63 -24.66 1.82
C PHE P 44 -50.61 -25.92 2.74
N PRO P 45 -51.79 -26.39 3.16
CA PRO P 45 -51.91 -27.38 4.24
C PRO P 45 -51.60 -28.80 3.82
N LEU P 46 -52.44 -29.73 4.29
CA LEU P 46 -52.36 -31.16 3.96
C LEU P 46 -51.13 -31.61 3.17
N CYS P 47 -50.10 -32.08 3.89
CA CYS P 47 -48.85 -32.49 3.26
C CYS P 47 -48.79 -33.97 2.96
N VAL P 48 -48.34 -34.31 1.77
CA VAL P 48 -48.06 -35.68 1.41
C VAL P 48 -46.55 -35.84 1.34
N HIS P 49 -46.04 -36.90 2.00
CA HIS P 49 -44.60 -37.08 2.25
C HIS P 49 -44.04 -38.37 1.66
N LEU P 50 -42.74 -38.39 1.36
CA LEU P 50 -42.14 -39.55 0.71
C LEU P 50 -41.19 -40.33 1.59
N VAL P 51 -41.70 -41.40 2.26
CA VAL P 51 -40.95 -42.23 3.23
C VAL P 51 -40.23 -43.37 2.55
N SER P 52 -38.99 -43.62 2.97
CA SER P 52 -38.23 -44.70 2.37
C SER P 52 -38.12 -45.88 3.34
N ASN P 53 -38.46 -47.06 2.86
CA ASN P 53 -38.48 -48.20 3.74
C ASN P 53 -37.32 -49.13 3.44
N GLU P 54 -36.08 -48.71 3.70
CA GLU P 54 -34.97 -49.65 3.44
C GLU P 54 -33.54 -49.24 3.77
N LEU P 55 -33.21 -49.16 5.06
CA LEU P 55 -31.84 -48.85 5.50
C LEU P 55 -30.81 -48.85 4.38
N GLU P 56 -30.75 -47.74 3.64
CA GLU P 56 -29.84 -47.62 2.48
C GLU P 56 -29.03 -46.33 2.51
N GLN P 57 -28.17 -46.15 1.51
CA GLN P 57 -27.48 -44.88 1.36
C GLN P 57 -28.00 -44.16 0.09
N LEU P 58 -29.14 -43.47 0.24
CA LEU P 58 -29.69 -42.66 -0.84
C LEU P 58 -28.59 -41.68 -1.22
N SER P 59 -27.87 -41.98 -2.28
CA SER P 59 -26.60 -41.31 -2.61
C SER P 59 -26.68 -39.81 -2.64
N SER P 60 -25.60 -39.18 -3.10
CA SER P 60 -25.43 -37.69 -3.13
C SER P 60 -26.17 -37.01 -4.27
N GLU P 61 -25.48 -37.08 -5.39
CA GLU P 61 -26.01 -36.65 -6.65
C GLU P 61 -27.46 -37.12 -6.73
N ALA P 62 -27.70 -38.32 -6.22
CA ALA P 62 -28.99 -38.93 -6.36
C ALA P 62 -30.04 -38.01 -5.76
N LEU P 63 -29.84 -37.64 -4.50
CA LEU P 63 -30.76 -36.73 -3.87
C LEU P 63 -30.91 -35.53 -4.81
N GLU P 64 -29.80 -35.11 -5.40
CA GLU P 64 -29.96 -34.00 -6.35
C GLU P 64 -31.06 -34.29 -7.37
N ALA P 65 -30.76 -35.18 -8.31
CA ALA P 65 -31.74 -35.58 -9.31
C ALA P 65 -33.14 -35.53 -8.71
N ALA P 66 -33.24 -35.98 -7.47
CA ALA P 66 -34.50 -35.91 -6.75
C ALA P 66 -35.02 -34.53 -6.87
N ARG P 67 -34.32 -33.59 -6.25
CA ARG P 67 -34.68 -32.17 -6.32
C ARG P 67 -35.03 -31.75 -7.74
N ILE P 68 -34.07 -31.95 -8.64
CA ILE P 68 -34.26 -31.63 -10.03
C ILE P 68 -35.68 -31.94 -10.43
N CYS P 69 -35.89 -33.17 -10.89
CA CYS P 69 -37.18 -33.60 -11.40
C CYS P 69 -38.31 -33.29 -10.43
N ALA P 70 -37.94 -33.00 -9.19
CA ALA P 70 -38.89 -32.73 -8.12
C ALA P 70 -39.60 -31.46 -8.39
N ASN P 71 -38.78 -30.42 -8.44
CA ASN P 71 -39.22 -29.08 -8.76
C ASN P 71 -39.75 -29.08 -10.17
N LYS P 72 -38.98 -29.66 -11.10
CA LYS P 72 -39.40 -29.69 -12.49
C LYS P 72 -40.92 -29.70 -12.62
N TYR P 73 -41.56 -30.79 -12.18
CA TYR P 73 -43.03 -30.89 -12.23
C TYR P 73 -43.69 -29.99 -11.17
N MET P 74 -43.26 -30.17 -9.92
CA MET P 74 -43.84 -29.40 -8.83
C MET P 74 -44.33 -28.09 -9.46
N THR P 75 -43.39 -27.35 -10.02
CA THR P 75 -43.71 -26.10 -10.67
C THR P 75 -44.44 -26.40 -11.96
N THR P 76 -43.74 -27.02 -12.91
CA THR P 76 -44.16 -27.12 -14.31
C THR P 76 -45.65 -27.38 -14.54
N VAL P 77 -46.39 -27.78 -13.50
CA VAL P 77 -47.85 -27.76 -13.62
C VAL P 77 -48.63 -27.28 -12.38
N SER P 78 -48.02 -26.39 -11.61
CA SER P 78 -48.66 -25.93 -10.39
C SER P 78 -48.15 -24.56 -9.90
N GLY P 79 -46.92 -24.22 -10.28
CA GLY P 79 -46.38 -22.88 -10.06
C GLY P 79 -45.37 -22.73 -8.94
N ARG P 80 -44.72 -21.57 -8.89
CA ARG P 80 -43.81 -21.27 -7.80
C ARG P 80 -44.62 -21.07 -6.53
N ASP P 81 -45.89 -20.76 -6.70
CA ASP P 81 -46.80 -20.83 -5.58
C ASP P 81 -47.52 -22.14 -5.76
N ALA P 82 -47.03 -23.18 -5.09
CA ALA P 82 -47.64 -24.51 -5.13
C ALA P 82 -46.79 -25.52 -4.35
N PHE P 83 -45.47 -25.43 -4.53
CA PHE P 83 -44.51 -26.37 -3.98
C PHE P 83 -44.15 -26.15 -2.50
N HIS P 84 -42.85 -26.04 -2.24
CA HIS P 84 -42.21 -26.16 -0.92
C HIS P 84 -41.87 -27.63 -0.71
N LEU P 85 -40.78 -28.09 -1.32
CA LEU P 85 -40.43 -29.51 -1.28
C LEU P 85 -39.31 -29.75 -0.29
N ARG P 86 -39.64 -29.83 1.00
CA ARG P 86 -38.65 -29.94 2.07
C ARG P 86 -37.73 -31.12 1.83
N VAL P 87 -36.45 -30.85 1.66
CA VAL P 87 -35.48 -31.90 1.33
C VAL P 87 -35.66 -33.12 2.24
N ARG P 88 -35.31 -32.98 3.53
CA ARG P 88 -35.58 -33.95 4.64
C ARG P 88 -34.93 -35.36 4.61
N VAL P 89 -33.90 -35.52 3.82
CA VAL P 89 -32.93 -36.56 4.04
C VAL P 89 -31.70 -35.77 4.49
N HIS P 90 -30.66 -35.74 3.64
CA HIS P 90 -29.45 -34.93 3.86
C HIS P 90 -28.21 -35.79 4.06
N PRO P 91 -27.11 -35.38 3.45
CA PRO P 91 -26.09 -36.32 3.01
C PRO P 91 -24.73 -36.32 3.69
N PHE P 92 -24.62 -36.81 4.92
CA PHE P 92 -23.30 -36.98 5.49
C PHE P 92 -22.57 -38.21 4.92
N HIS P 93 -21.81 -38.91 5.76
CA HIS P 93 -20.96 -40.05 5.36
C HIS P 93 -20.20 -39.89 4.08
N VAL P 94 -18.96 -39.43 4.17
CA VAL P 94 -18.10 -39.37 3.00
C VAL P 94 -17.58 -40.76 2.69
N LEU P 95 -18.03 -41.37 1.59
CA LEU P 95 -17.49 -42.68 1.19
C LEU P 95 -16.15 -42.47 0.45
N ARG P 96 -15.42 -43.56 0.24
CA ARG P 96 -14.07 -43.47 -0.36
C ARG P 96 -13.75 -44.52 -1.46
N ILE P 97 -12.57 -44.37 -2.06
CA ILE P 97 -12.10 -45.29 -3.11
C ILE P 97 -10.70 -45.77 -2.78
N ASN P 98 -10.15 -46.66 -3.60
CA ASN P 98 -8.83 -47.25 -3.35
C ASN P 98 -7.79 -47.09 -4.49
N LYS P 99 -6.52 -47.35 -4.14
CA LYS P 99 -5.40 -47.25 -5.08
C LYS P 99 -4.11 -47.78 -4.46
N GLN P 111 5.07 -50.93 -3.37
CA GLN P 111 3.77 -50.79 -2.73
C GLN P 111 2.61 -50.87 -3.73
N GLY P 112 2.35 -52.08 -4.24
CA GLY P 112 1.33 -52.27 -5.26
C GLY P 112 0.15 -53.13 -4.90
N MET P 113 -0.26 -53.08 -3.63
CA MET P 113 -1.42 -53.80 -3.13
C MET P 113 -1.39 -53.93 -1.60
N ARG P 114 -0.59 -53.08 -0.95
CA ARG P 114 -0.25 -53.27 0.46
C ARG P 114 -0.86 -52.22 1.41
N GLY P 115 -2.09 -52.46 1.83
CA GLY P 115 -2.71 -51.65 2.87
C GLY P 115 -3.12 -50.25 2.43
N ALA P 116 -4.40 -50.10 2.07
CA ALA P 116 -4.91 -48.84 1.57
C ALA P 116 -6.25 -48.46 2.18
N TRP P 117 -6.31 -47.26 2.76
CA TRP P 117 -7.59 -46.68 3.16
C TRP P 117 -8.19 -45.79 2.06
N GLY P 118 -9.48 -45.48 2.19
CA GLY P 118 -10.16 -44.76 1.15
C GLY P 118 -9.85 -43.27 1.18
N LYS P 119 -9.86 -42.65 0.01
CA LYS P 119 -9.83 -41.19 -0.09
C LYS P 119 -11.25 -40.74 -0.40
N PRO P 120 -11.74 -39.72 0.27
CA PRO P 120 -13.17 -39.46 0.20
C PRO P 120 -13.61 -39.61 -1.24
N HIS P 121 -14.88 -39.89 -1.47
CA HIS P 121 -15.36 -40.06 -2.86
C HIS P 121 -16.85 -39.82 -3.12
N GLY P 122 -17.44 -38.92 -2.34
CA GLY P 122 -18.84 -38.54 -2.53
C GLY P 122 -19.64 -38.81 -1.28
N LEU P 123 -20.51 -37.88 -0.93
CA LEU P 123 -21.22 -37.96 0.34
C LEU P 123 -22.67 -38.38 0.14
N ALA P 124 -23.10 -39.50 0.73
CA ALA P 124 -24.52 -39.90 0.69
C ALA P 124 -25.19 -39.94 2.06
N ALA P 125 -26.41 -40.46 2.11
CA ALA P 125 -27.09 -40.44 3.39
C ALA P 125 -27.97 -41.66 3.71
N ARG P 126 -28.07 -41.97 5.00
CA ARG P 126 -28.65 -43.22 5.48
C ARG P 126 -30.15 -43.12 5.69
N VAL P 127 -30.89 -43.60 4.70
CA VAL P 127 -32.32 -43.68 4.82
C VAL P 127 -32.65 -44.86 5.70
N ASP P 128 -32.94 -44.61 6.97
CA ASP P 128 -33.39 -45.68 7.82
C ASP P 128 -34.74 -46.16 7.29
N ILE P 129 -34.95 -47.47 7.26
CA ILE P 129 -36.17 -48.05 6.71
C ILE P 129 -37.38 -47.60 7.51
N GLY P 130 -38.02 -46.53 7.03
CA GLY P 130 -39.15 -45.91 7.68
C GLY P 130 -39.00 -44.40 7.70
N GLN P 131 -37.78 -43.93 7.49
CA GLN P 131 -37.48 -42.52 7.47
C GLN P 131 -38.22 -41.75 6.37
N ILE P 132 -38.46 -40.45 6.59
CA ILE P 132 -39.05 -39.56 5.59
C ILE P 132 -37.96 -38.93 4.72
N ILE P 133 -38.14 -38.96 3.42
CA ILE P 133 -37.19 -38.38 2.49
C ILE P 133 -37.88 -37.21 1.77
N PHE P 134 -37.16 -36.53 0.87
CA PHE P 134 -37.59 -35.32 0.08
C PHE P 134 -39.07 -34.98 0.13
N SER P 135 -39.61 -34.76 1.33
CA SER P 135 -41.06 -34.71 1.51
C SER P 135 -41.62 -33.30 1.60
N VAL P 136 -42.65 -33.05 0.78
CA VAL P 136 -43.22 -31.71 0.57
C VAL P 136 -44.67 -31.57 1.03
N ARG P 137 -45.18 -30.35 0.95
CA ARG P 137 -46.45 -29.96 1.57
C ARG P 137 -47.21 -28.87 0.82
N THR P 138 -48.52 -29.04 0.65
CA THR P 138 -49.30 -28.09 -0.14
C THR P 138 -50.78 -28.14 0.18
N LYS P 139 -51.54 -27.21 -0.40
CA LYS P 139 -52.97 -27.07 -0.12
C LYS P 139 -53.81 -28.18 -0.74
N ASP P 140 -55.01 -28.37 -0.21
CA ASP P 140 -55.90 -29.44 -0.64
C ASP P 140 -55.98 -29.58 -2.15
N SER P 141 -56.37 -28.49 -2.80
CA SER P 141 -56.56 -28.50 -4.24
C SER P 141 -55.28 -28.80 -5.00
N ASN P 142 -54.25 -29.30 -4.33
CA ASN P 142 -53.01 -29.66 -5.05
C ASN P 142 -52.75 -31.17 -5.03
N LYS P 143 -53.65 -31.89 -4.37
CA LYS P 143 -53.43 -33.29 -4.03
C LYS P 143 -52.63 -34.02 -5.08
N ASP P 144 -53.36 -34.53 -6.07
CA ASP P 144 -52.76 -35.36 -7.10
C ASP P 144 -51.60 -34.64 -7.74
N VAL P 145 -51.77 -33.34 -7.90
CA VAL P 145 -50.66 -32.51 -8.31
C VAL P 145 -49.48 -33.14 -7.61
N VAL P 146 -49.27 -32.71 -6.37
CA VAL P 146 -48.15 -33.17 -5.59
C VAL P 146 -48.00 -34.66 -5.80
N VAL P 147 -49.05 -35.41 -5.49
CA VAL P 147 -48.89 -36.86 -5.43
C VAL P 147 -48.22 -37.35 -6.71
N GLU P 148 -48.84 -37.08 -7.86
CA GLU P 148 -48.42 -37.72 -9.10
C GLU P 148 -46.94 -37.42 -9.25
N GLY P 149 -46.62 -36.20 -8.88
CA GLY P 149 -45.28 -35.71 -9.03
C GLY P 149 -44.26 -36.51 -8.26
N LEU P 150 -44.47 -36.62 -6.95
CA LEU P 150 -43.46 -37.29 -6.15
C LEU P 150 -43.23 -38.63 -6.83
N ARG P 151 -44.26 -39.20 -7.48
CA ARG P 151 -44.07 -40.50 -8.15
C ARG P 151 -42.76 -40.43 -8.88
N ARG P 152 -42.66 -39.49 -9.79
CA ARG P 152 -41.41 -39.19 -10.49
C ARG P 152 -40.19 -39.69 -9.72
N ALA P 153 -39.93 -39.09 -8.57
CA ALA P 153 -38.75 -39.41 -7.78
C ALA P 153 -38.60 -40.87 -7.52
N ARG P 154 -39.60 -41.48 -6.89
CA ARG P 154 -39.57 -42.91 -6.58
C ARG P 154 -38.95 -43.70 -7.72
N TYR P 155 -39.21 -43.22 -8.94
CA TYR P 155 -38.72 -43.79 -10.19
C TYR P 155 -37.26 -43.39 -10.39
N LYS P 156 -36.90 -42.24 -9.83
CA LYS P 156 -35.51 -41.85 -9.71
C LYS P 156 -35.04 -42.39 -8.39
N PHE P 157 -33.73 -42.31 -8.13
CA PHE P 157 -33.26 -42.51 -6.76
C PHE P 157 -33.46 -43.91 -6.16
N PRO P 158 -32.51 -44.79 -6.44
CA PRO P 158 -32.39 -46.10 -5.79
C PRO P 158 -33.56 -46.48 -4.90
N GLY P 159 -34.78 -46.48 -5.45
CA GLY P 159 -36.05 -46.54 -4.70
C GLY P 159 -36.30 -47.76 -3.78
N GLN P 160 -37.08 -47.64 -2.68
CA GLN P 160 -37.63 -46.40 -2.06
C GLN P 160 -39.14 -46.44 -1.89
N GLN P 161 -39.71 -45.26 -1.63
CA GLN P 161 -41.12 -44.96 -1.90
C GLN P 161 -42.20 -45.19 -0.84
N LYS P 162 -42.75 -44.08 -0.36
CA LYS P 162 -43.97 -44.10 0.41
C LYS P 162 -45.06 -43.42 -0.39
N ILE P 163 -44.74 -42.27 -0.93
CA ILE P 163 -45.76 -41.39 -1.48
C ILE P 163 -46.96 -41.51 -0.55
N ILE P 164 -46.75 -41.26 0.76
CA ILE P 164 -47.79 -41.35 1.80
C ILE P 164 -48.51 -40.03 2.08
N LEU P 165 -49.80 -40.10 2.43
CA LEU P 165 -50.57 -38.89 2.74
C LEU P 165 -50.69 -38.81 4.25
N SER P 166 -50.63 -37.59 4.84
CA SER P 166 -50.27 -37.42 6.27
C SER P 166 -51.17 -36.67 7.27
N LYS P 167 -50.51 -35.86 8.10
CA LYS P 167 -51.13 -35.26 9.26
C LYS P 167 -49.99 -34.80 10.17
N LYS P 168 -50.24 -34.55 11.46
CA LYS P 168 -49.23 -33.98 12.37
C LYS P 168 -49.70 -34.04 13.86
N TRP P 169 -49.12 -33.34 14.85
CA TRP P 169 -47.99 -32.37 14.85
C TRP P 169 -48.42 -31.06 14.22
N GLY P 170 -47.60 -30.59 13.29
CA GLY P 170 -48.02 -29.53 12.38
C GLY P 170 -46.89 -29.08 11.47
N PHE P 171 -46.29 -30.05 10.78
CA PHE P 171 -45.29 -29.74 9.79
C PHE P 171 -46.01 -29.38 8.52
N THR P 172 -47.33 -29.45 8.63
CA THR P 172 -48.23 -29.39 7.51
C THR P 172 -49.60 -29.04 8.06
N ASN P 173 -50.63 -29.26 7.26
CA ASN P 173 -52.00 -28.97 7.70
C ASN P 173 -52.11 -28.83 9.22
N LEU P 174 -51.89 -29.89 10.01
CA LEU P 174 -51.73 -31.28 9.58
C LEU P 174 -52.15 -32.19 10.72
N ASP P 175 -53.15 -33.03 10.49
CA ASP P 175 -53.81 -33.79 11.55
C ASP P 175 -52.92 -34.36 12.66
N ARG P 176 -52.81 -33.71 13.82
CA ARG P 176 -53.34 -32.38 14.20
C ARG P 176 -54.50 -31.65 13.47
N PRO P 177 -55.25 -32.33 12.60
CA PRO P 177 -56.27 -31.65 11.83
C PRO P 177 -57.21 -31.09 12.86
N GLU P 178 -57.85 -31.96 13.62
CA GLU P 178 -58.71 -31.54 14.71
C GLU P 178 -57.95 -30.66 15.67
N TYR P 179 -56.64 -30.86 15.76
CA TYR P 179 -55.83 -29.99 16.61
C TYR P 179 -55.81 -28.54 16.10
N LEU P 180 -54.96 -28.20 15.14
CA LEU P 180 -54.85 -26.81 14.70
C LEU P 180 -56.23 -26.29 14.39
N LYS P 181 -57.07 -27.14 13.82
CA LYS P 181 -58.47 -26.77 13.60
C LYS P 181 -59.15 -26.50 14.93
N LYS P 182 -58.49 -26.89 16.03
CA LYS P 182 -58.94 -26.56 17.38
C LYS P 182 -58.22 -25.33 17.96
N ARG P 183 -56.89 -25.33 17.93
CA ARG P 183 -56.11 -24.14 18.22
C ARG P 183 -56.42 -23.07 17.17
N GLU P 184 -57.66 -23.12 16.67
CA GLU P 184 -58.27 -21.92 16.14
C GLU P 184 -57.76 -20.82 17.03
N ALA P 185 -58.13 -20.89 18.31
CA ALA P 185 -57.71 -19.88 19.27
C ALA P 185 -56.29 -20.13 19.83
N GLY P 186 -55.30 -19.38 19.31
CA GLY P 186 -53.89 -19.34 19.79
C GLY P 186 -52.80 -19.61 18.75
N GLU P 187 -51.70 -20.18 19.24
CA GLU P 187 -50.52 -20.53 18.46
C GLU P 187 -49.36 -20.69 19.44
N VAL P 188 -48.53 -21.73 19.25
CA VAL P 188 -47.53 -22.10 20.25
C VAL P 188 -48.03 -21.88 21.72
N LYS P 189 -47.11 -21.78 22.68
CA LYS P 189 -47.49 -21.58 24.08
C LYS P 189 -48.54 -20.48 24.17
N ASP P 190 -49.52 -20.60 25.06
CA ASP P 190 -49.71 -21.74 25.95
C ASP P 190 -48.59 -21.88 26.98
N ASP P 191 -47.90 -23.01 26.95
CA ASP P 191 -46.88 -23.32 27.95
C ASP P 191 -47.37 -23.13 29.37
N GLY P 192 -46.59 -22.39 30.16
CA GLY P 192 -46.91 -22.15 31.55
C GLY P 192 -48.14 -21.25 31.71
N ALA P 193 -48.03 -20.28 32.61
CA ALA P 193 -49.06 -19.29 32.82
C ALA P 193 -48.42 -18.15 33.62
N PHE P 194 -48.12 -17.02 32.95
CA PHE P 194 -47.42 -15.86 33.56
C PHE P 194 -47.40 -14.58 32.70
N VAL P 195 -46.23 -14.21 32.18
CA VAL P 195 -46.05 -13.02 31.34
C VAL P 195 -46.67 -13.18 29.95
N LYS P 196 -47.99 -13.04 29.86
CA LYS P 196 -48.73 -13.28 28.61
C LYS P 196 -48.47 -12.24 27.51
N PHE P 197 -47.32 -12.38 26.86
CA PHE P 197 -46.98 -11.56 25.70
C PHE P 197 -47.17 -12.35 24.41
N LEU P 198 -48.35 -12.94 24.26
CA LEU P 198 -48.79 -13.55 23.02
C LEU P 198 -50.27 -13.24 22.84
N SER P 199 -50.59 -11.94 22.89
CA SER P 199 -51.95 -11.39 22.76
C SER P 199 -53.08 -12.38 22.50
N LYS P 200 -53.41 -13.18 23.51
CA LYS P 200 -54.43 -14.22 23.40
C LYS P 200 -55.86 -13.67 23.47
N LYS P 201 -56.01 -12.48 24.05
CA LYS P 201 -57.31 -11.85 24.22
C LYS P 201 -58.02 -12.35 25.48
N GLY P 202 -58.77 -11.47 26.16
CA GLY P 202 -58.99 -10.10 25.73
C GLY P 202 -59.37 -9.17 26.89
N SER P 203 -58.43 -8.36 27.37
CA SER P 203 -58.73 -7.38 28.42
C SER P 203 -57.60 -6.37 28.69
N LEU P 204 -56.41 -6.84 29.02
CA LEU P 204 -56.10 -8.27 29.11
C LEU P 204 -55.49 -8.64 30.47
N GLU P 205 -54.18 -8.49 30.58
CA GLU P 205 -53.44 -8.82 31.81
C GLU P 205 -54.33 -8.90 33.04
N ASN P 206 -54.77 -7.74 33.52
CA ASN P 206 -55.65 -7.65 34.68
C ASN P 206 -56.37 -8.97 34.97
N ASN P 207 -57.50 -9.17 34.31
CA ASN P 207 -58.31 -10.38 34.50
C ASN P 207 -57.49 -11.63 34.71
N ILE P 208 -56.71 -12.00 33.70
CA ILE P 208 -55.90 -13.21 33.78
C ILE P 208 -55.15 -13.22 35.10
N ARG P 209 -54.31 -12.21 35.29
CA ARG P 209 -53.45 -12.15 36.47
C ARG P 209 -54.26 -12.25 37.77
N GLU P 210 -55.56 -12.03 37.66
CA GLU P 210 -56.47 -12.32 38.75
C GLU P 210 -56.49 -13.83 38.89
N PHE P 211 -57.29 -14.49 38.04
CA PHE P 211 -57.36 -15.95 38.02
C PHE P 211 -55.99 -16.56 38.24
N PRO P 212 -55.00 -16.05 37.52
CA PRO P 212 -53.62 -16.55 37.59
C PRO P 212 -53.18 -17.01 38.98
N GLU P 213 -52.83 -16.06 39.84
CA GLU P 213 -52.39 -16.40 41.19
C GLU P 213 -53.56 -16.89 42.01
N TYR P 214 -54.77 -16.52 41.59
CA TYR P 214 -55.97 -16.96 42.28
C TYR P 214 -55.95 -18.47 42.55
N PHE P 215 -55.05 -19.17 41.87
CA PHE P 215 -54.89 -20.60 42.05
C PHE P 215 -53.52 -20.91 42.66
N ALA P 216 -52.50 -20.23 42.17
CA ALA P 216 -51.18 -20.35 42.78
C ALA P 216 -51.36 -20.22 44.28
N ALA P 217 -52.36 -19.42 44.66
CA ALA P 217 -52.66 -19.17 46.07
C ALA P 217 -53.29 -20.38 46.69
N GLN P 218 -54.06 -21.10 45.88
CA GLN P 218 -54.65 -22.36 46.31
C GLN P 218 -53.55 -23.41 46.46
N ALA P 219 -52.45 -23.01 47.09
CA ALA P 219 -51.33 -23.90 47.39
C ALA P 219 -50.24 -23.16 48.15
N ASN Q 1 -32.91 4.82 56.13
CA ASN Q 1 -31.69 5.59 55.92
C ASN Q 1 -30.78 4.83 54.96
N PRO Q 2 -29.71 5.43 54.41
CA PRO Q 2 -29.30 6.84 54.54
C PRO Q 2 -28.34 7.22 55.69
N MET Q 3 -27.19 6.56 55.73
CA MET Q 3 -26.15 6.83 56.73
C MET Q 3 -24.83 7.25 56.06
N ARG Q 4 -24.55 6.64 54.92
CA ARG Q 4 -23.33 6.91 54.18
C ARG Q 4 -23.50 6.51 52.74
N ASP Q 5 -22.75 7.15 51.87
CA ASP Q 5 -22.76 6.89 50.43
C ASP Q 5 -22.32 8.14 49.66
N LEU Q 6 -22.10 7.96 48.36
CA LEU Q 6 -21.63 9.01 47.45
C LEU Q 6 -20.17 9.40 47.63
N LYS Q 7 -19.41 9.30 46.54
CA LYS Q 7 -17.98 9.65 46.44
C LYS Q 7 -17.48 9.39 45.02
N ILE Q 8 -16.34 9.96 44.66
CA ILE Q 8 -15.88 9.91 43.28
C ILE Q 8 -14.70 8.97 43.00
N GLU Q 9 -14.94 7.66 43.11
CA GLU Q 9 -14.05 6.55 42.65
C GLU Q 9 -12.63 6.93 42.25
N LYS Q 10 -12.45 7.16 40.95
CA LYS Q 10 -11.17 7.59 40.41
C LYS Q 10 -11.33 8.28 39.05
N LEU Q 11 -10.33 9.06 38.66
CA LEU Q 11 -10.41 9.84 37.44
C LEU Q 11 -9.67 9.20 36.29
N VAL Q 12 -9.84 7.90 36.12
CA VAL Q 12 -9.42 7.16 34.93
C VAL Q 12 -9.14 8.01 33.68
N LEU Q 13 -7.95 8.59 33.60
CA LEU Q 13 -7.58 9.42 32.45
C LEU Q 13 -6.74 8.62 31.47
N ASN Q 14 -7.12 8.64 30.19
CA ASN Q 14 -6.44 7.83 29.19
C ASN Q 14 -6.53 8.37 27.76
N ILE Q 15 -5.36 8.49 27.15
CA ILE Q 15 -5.22 8.82 25.75
C ILE Q 15 -4.82 7.55 25.02
N SER Q 16 -5.17 7.44 23.75
CA SER Q 16 -4.87 6.26 22.96
C SER Q 16 -4.04 6.59 21.73
N VAL Q 17 -2.74 6.79 21.94
CA VAL Q 17 -1.81 7.10 20.86
C VAL Q 17 -1.98 6.12 19.73
N GLY Q 18 -0.92 5.37 19.47
CA GLY Q 18 -0.93 4.41 18.39
C GLY Q 18 0.39 4.44 17.66
N GLU Q 19 1.45 4.74 18.42
CA GLU Q 19 2.81 4.71 17.88
C GLU Q 19 3.78 4.47 19.02
N SER Q 20 5.06 4.71 18.78
CA SER Q 20 6.08 4.61 19.82
C SER Q 20 6.46 5.98 20.37
N GLY Q 21 7.46 6.60 19.77
CA GLY Q 21 7.94 7.92 20.17
C GLY Q 21 8.50 8.63 18.94
N ASP Q 22 8.75 9.94 19.03
CA ASP Q 22 8.48 10.74 20.22
C ASP Q 22 7.04 11.20 20.21
N ARG Q 23 6.13 10.25 20.16
CA ARG Q 23 4.71 10.58 20.08
C ARG Q 23 4.01 10.24 21.39
N LEU Q 24 3.87 8.96 21.67
CA LEU Q 24 3.36 8.57 22.98
C LEU Q 24 4.17 9.41 23.92
N THR Q 25 5.46 9.52 23.59
CA THR Q 25 6.39 10.37 24.31
C THR Q 25 5.87 11.76 24.22
N ARG Q 26 4.82 12.04 24.95
CA ARG Q 26 4.10 13.28 24.80
C ARG Q 26 2.80 13.09 25.50
N ALA Q 27 1.89 12.34 24.88
CA ALA Q 27 0.65 12.00 25.54
C ALA Q 27 0.99 11.68 26.98
N SER Q 28 2.17 11.11 27.18
CA SER Q 28 2.75 11.00 28.50
C SER Q 28 2.77 12.40 29.10
N LYS Q 29 3.92 13.08 28.99
CA LYS Q 29 4.10 14.44 29.50
C LYS Q 29 2.78 15.15 29.76
N VAL Q 30 2.03 15.35 28.69
CA VAL Q 30 0.69 15.90 28.76
C VAL Q 30 -0.09 15.31 29.91
N LEU Q 31 -0.47 14.05 29.77
CA LEU Q 31 -1.09 13.38 30.88
C LEU Q 31 -0.35 13.75 32.17
N GLU Q 32 0.89 13.28 32.29
CA GLU Q 32 1.72 13.41 33.50
C GLU Q 32 1.57 14.72 34.27
N GLN Q 33 1.52 15.82 33.52
CA GLN Q 33 1.56 17.16 34.10
C GLN Q 33 0.16 17.74 34.27
N LEU Q 34 -0.79 17.18 33.55
CA LEU Q 34 -2.17 17.45 33.87
C LEU Q 34 -2.47 16.63 35.11
N SER Q 35 -1.49 15.82 35.50
CA SER Q 35 -1.70 14.77 36.48
C SER Q 35 -0.95 14.98 37.79
N GLY Q 36 0.34 15.24 37.74
CA GLY Q 36 1.14 15.30 38.96
C GLY Q 36 1.64 13.91 39.28
N GLN Q 37 0.75 12.92 39.21
CA GLN Q 37 1.17 11.52 39.20
C GLN Q 37 1.97 11.29 37.93
N THR Q 38 2.62 10.14 37.81
CA THR Q 38 3.36 9.78 36.58
C THR Q 38 2.48 9.08 35.54
N PRO Q 39 3.09 8.40 34.56
CA PRO Q 39 2.31 7.86 33.45
C PRO Q 39 2.49 6.37 33.14
N VAL Q 40 1.46 5.60 33.51
CA VAL Q 40 1.41 4.19 33.23
C VAL Q 40 1.06 4.07 31.77
N GLN Q 41 2.04 3.68 30.94
CA GLN Q 41 1.79 3.46 29.52
C GLN Q 41 0.69 2.40 29.29
N SER Q 42 0.58 1.88 28.07
CA SER Q 42 -0.41 0.84 27.76
C SER Q 42 0.21 -0.17 26.79
N LYS Q 43 -0.24 -1.40 26.85
CA LYS Q 43 0.44 -2.46 26.11
C LYS Q 43 0.29 -2.34 24.57
N ALA Q 44 -0.10 -3.42 23.92
CA ALA Q 44 -0.31 -3.47 22.47
C ALA Q 44 -0.47 -4.91 22.02
N ARG Q 45 -1.36 -5.64 22.67
CA ARG Q 45 -1.46 -7.06 22.42
C ARG Q 45 -2.03 -7.41 21.08
N TYR Q 46 -1.35 -6.90 20.05
CA TYR Q 46 -0.77 -7.70 18.97
C TYR Q 46 -0.64 -7.06 17.59
N THR Q 47 -1.70 -7.03 16.80
CA THR Q 47 -1.52 -6.52 15.44
C THR Q 47 -2.77 -6.31 14.59
N VAL Q 48 -2.58 -5.61 13.48
CA VAL Q 48 -3.43 -5.67 12.28
C VAL Q 48 -3.17 -4.51 11.29
N ARG Q 49 -4.24 -3.94 10.74
CA ARG Q 49 -4.14 -2.81 9.79
C ARG Q 49 -3.52 -1.59 10.43
N THR Q 50 -4.28 -0.51 10.43
CA THR Q 50 -3.84 0.78 10.94
C THR Q 50 -2.66 0.74 11.91
N PHE Q 51 -1.49 0.38 11.40
CA PHE Q 51 -0.30 0.25 12.24
C PHE Q 51 -0.56 -0.63 13.45
N GLY Q 52 0.02 -0.26 14.58
CA GLY Q 52 -0.14 -1.00 15.81
C GLY Q 52 0.13 -2.46 15.52
N ILE Q 53 1.15 -2.72 14.71
CA ILE Q 53 1.58 -4.09 14.42
C ILE Q 53 2.75 -4.43 15.33
N ARG Q 54 2.51 -4.32 16.63
CA ARG Q 54 3.56 -4.55 17.63
C ARG Q 54 3.07 -5.46 18.75
N ARG Q 55 4.01 -6.14 19.39
CA ARG Q 55 3.69 -6.94 20.56
C ARG Q 55 3.29 -6.02 21.69
N ASN Q 56 2.58 -6.56 22.67
CA ASN Q 56 2.05 -5.80 23.80
C ASN Q 56 3.04 -4.76 24.33
N GLU Q 57 3.02 -3.57 23.74
CA GLU Q 57 3.94 -2.51 24.14
C GLU Q 57 3.73 -1.22 23.33
N LYS Q 58 3.76 -0.10 24.04
CA LYS Q 58 3.83 1.22 23.41
C LYS Q 58 2.67 1.55 22.49
N ILE Q 59 1.63 2.18 23.04
CA ILE Q 59 0.51 2.61 22.24
C ILE Q 59 -0.63 3.20 23.08
N ALA Q 60 -0.28 4.00 24.07
CA ALA Q 60 -1.26 4.69 24.93
C ALA Q 60 -0.72 4.86 26.35
N VAL Q 61 -1.33 5.77 27.10
CA VAL Q 61 -0.94 6.00 28.48
C VAL Q 61 -2.16 6.00 29.40
N HIS Q 62 -1.97 5.47 30.60
CA HIS Q 62 -3.08 5.13 31.50
C HIS Q 62 -3.27 6.12 32.64
N VAL Q 63 -2.18 6.62 33.22
CA VAL Q 63 -2.22 7.45 34.43
C VAL Q 63 -3.62 7.95 34.84
N THR Q 64 -4.15 7.44 35.94
CA THR Q 64 -5.48 7.82 36.40
C THR Q 64 -5.48 8.00 37.90
N VAL Q 65 -5.94 9.18 38.34
CA VAL Q 65 -5.87 9.62 39.73
C VAL Q 65 -7.23 9.57 40.43
N ARG Q 66 -7.29 10.06 41.67
CA ARG Q 66 -8.52 9.96 42.45
C ARG Q 66 -8.54 10.88 43.70
N GLY Q 67 -9.61 10.71 44.48
CA GLY Q 67 -9.73 11.30 45.80
C GLY Q 67 -9.83 12.81 45.93
N PRO Q 68 -8.77 13.41 46.43
CA PRO Q 68 -8.73 14.84 46.69
C PRO Q 68 -8.83 15.57 45.37
N LYS Q 69 -8.03 15.15 44.41
CA LYS Q 69 -8.18 15.66 43.07
C LYS Q 69 -9.49 15.11 42.46
N ALA Q 70 -10.50 14.98 43.31
CA ALA Q 70 -11.85 14.64 42.88
C ALA Q 70 -12.26 15.60 41.78
N GLU Q 71 -12.82 16.73 42.20
CA GLU Q 71 -13.18 17.79 41.28
C GLU Q 71 -12.21 17.92 40.10
N GLU Q 72 -10.98 17.46 40.29
CA GLU Q 72 -9.97 17.49 39.23
C GLU Q 72 -10.39 16.71 37.98
N ILE Q 73 -11.45 15.93 38.12
CA ILE Q 73 -12.05 15.21 37.00
C ILE Q 73 -13.12 16.08 36.39
N LEU Q 74 -14.10 16.46 37.19
CA LEU Q 74 -15.09 17.43 36.78
C LEU Q 74 -14.43 18.81 36.61
N GLU Q 75 -13.10 18.81 36.60
CA GLU Q 75 -12.31 20.02 36.36
C GLU Q 75 -12.36 20.35 34.88
N ARG Q 76 -13.35 19.76 34.23
CA ARG Q 76 -13.64 20.04 32.83
C ARG Q 76 -14.93 19.29 32.58
N GLY Q 77 -15.51 18.78 33.66
CA GLY Q 77 -16.80 18.12 33.59
C GLY Q 77 -17.74 19.15 32.98
N LEU Q 78 -18.44 19.87 33.85
CA LEU Q 78 -19.19 21.04 33.43
C LEU Q 78 -18.43 21.69 32.28
N LYS Q 79 -17.28 22.26 32.58
CA LYS Q 79 -16.44 22.92 31.58
C LYS Q 79 -16.43 22.15 30.25
N VAL Q 80 -15.33 21.47 29.95
CA VAL Q 80 -15.20 20.76 28.67
C VAL Q 80 -16.56 20.60 27.96
N LYS Q 81 -17.47 19.88 28.60
CA LYS Q 81 -18.77 19.66 28.00
C LYS Q 81 -19.87 20.43 28.71
N GLU Q 82 -19.71 21.75 28.77
CA GLU Q 82 -20.73 22.65 29.30
C GLU Q 82 -21.66 22.01 30.36
N TYR Q 83 -21.09 21.14 31.19
CA TYR Q 83 -21.88 20.40 32.18
C TYR Q 83 -23.10 19.77 31.54
N GLN Q 84 -22.87 19.06 30.43
CA GLN Q 84 -23.92 18.36 29.71
C GLN Q 84 -23.33 17.08 29.12
N LEU Q 85 -23.92 15.94 29.47
CA LEU Q 85 -23.43 14.66 28.98
C LEU Q 85 -24.59 13.74 28.61
N ARG Q 86 -24.36 12.89 27.61
CA ARG Q 86 -25.37 11.97 27.09
C ARG Q 86 -26.74 12.15 27.76
N ASP Q 87 -27.55 13.03 27.19
CA ASP Q 87 -28.86 13.34 27.75
C ASP Q 87 -30.01 12.67 27.00
N ARG Q 88 -31.18 12.64 27.64
CA ARG Q 88 -32.41 12.15 27.00
C ARG Q 88 -32.36 10.67 26.62
N ASN Q 89 -33.43 9.93 26.93
CA ASN Q 89 -34.61 10.48 27.59
C ASN Q 89 -35.42 9.41 28.34
N PHE Q 90 -35.07 8.14 28.11
CA PHE Q 90 -35.82 7.02 28.65
C PHE Q 90 -35.26 6.50 29.97
N SER Q 91 -36.14 6.23 30.92
CA SER Q 91 -35.74 5.75 32.24
C SER Q 91 -34.72 6.71 32.86
N ALA Q 92 -34.72 7.94 32.35
CA ALA Q 92 -33.76 8.96 32.79
C ALA Q 92 -32.31 8.48 32.71
N THR Q 93 -32.11 7.27 32.20
CA THR Q 93 -30.77 6.70 32.05
C THR Q 93 -30.22 6.96 30.64
N GLY Q 94 -29.63 8.13 30.43
CA GLY Q 94 -29.14 8.52 29.12
C GLY Q 94 -27.70 8.14 28.84
N ASN Q 95 -27.46 6.85 28.60
CA ASN Q 95 -26.12 6.37 28.42
C ASN Q 95 -25.31 6.81 29.62
N PHE Q 96 -25.44 6.06 30.71
CA PHE Q 96 -24.81 6.38 31.99
C PHE Q 96 -23.49 7.11 31.81
N GLY Q 97 -22.84 6.86 30.68
CA GLY Q 97 -21.54 7.42 30.41
C GLY Q 97 -21.52 8.40 29.26
N PHE Q 98 -20.32 8.89 28.96
CA PHE Q 98 -20.15 10.02 28.08
C PHE Q 98 -19.19 9.77 26.92
N GLY Q 99 -19.63 10.07 25.70
CA GLY Q 99 -18.83 9.89 24.49
C GLY Q 99 -17.42 10.48 24.60
N ILE Q 100 -16.57 10.18 23.62
CA ILE Q 100 -15.23 10.75 23.61
C ILE Q 100 -14.59 10.71 22.24
N ASP Q 101 -13.28 10.99 22.21
CA ASP Q 101 -12.45 10.74 21.04
C ASP Q 101 -11.07 11.00 21.55
N GLU Q 102 -10.04 10.66 20.78
CA GLU Q 102 -8.66 10.81 21.24
C GLU Q 102 -8.43 12.20 21.79
N HIS Q 103 -7.21 12.48 22.21
CA HIS Q 103 -6.87 13.80 22.72
C HIS Q 103 -5.50 14.23 22.20
N ILE Q 104 -4.88 15.18 22.90
CA ILE Q 104 -3.49 15.57 22.71
C ILE Q 104 -3.24 16.93 22.05
N ASP Q 105 -2.24 16.95 21.16
CA ASP Q 105 -1.71 18.16 20.55
C ASP Q 105 -0.85 18.94 21.55
N LEU Q 106 0.47 18.90 21.38
CA LEU Q 106 1.41 19.65 22.24
C LEU Q 106 2.93 19.36 22.05
N GLY Q 107 3.59 20.22 21.29
CA GLY Q 107 5.05 20.27 21.26
C GLY Q 107 5.41 21.65 21.75
N ILE Q 108 4.63 22.63 21.28
CA ILE Q 108 4.54 23.93 21.88
C ILE Q 108 3.27 23.90 22.70
N LYS Q 109 2.16 24.27 22.04
CA LYS Q 109 0.82 24.30 22.64
C LYS Q 109 0.76 24.93 24.03
N TYR Q 110 -0.45 25.22 24.51
CA TYR Q 110 -0.57 25.93 25.79
C TYR Q 110 -1.49 25.24 26.78
N ASP Q 111 -1.14 25.40 28.06
CA ASP Q 111 -1.74 24.66 29.17
C ASP Q 111 -3.26 24.70 29.26
N PRO Q 112 -3.78 23.95 30.23
CA PRO Q 112 -5.22 23.76 30.40
C PRO Q 112 -5.44 23.07 31.76
N SER Q 113 -6.67 22.99 32.29
CA SER Q 113 -7.92 23.50 31.72
C SER Q 113 -8.53 22.58 30.65
N ILE Q 114 -9.36 23.14 29.79
CA ILE Q 114 -9.91 22.39 28.67
C ILE Q 114 -8.75 22.06 27.74
N GLY Q 115 -8.78 22.62 26.54
CA GLY Q 115 -7.76 22.33 25.55
C GLY Q 115 -7.25 20.87 25.67
N ILE Q 116 -6.05 20.60 25.17
CA ILE Q 116 -5.54 19.24 25.06
C ILE Q 116 -6.49 18.35 24.23
N PHE Q 117 -7.72 18.81 24.02
CA PHE Q 117 -8.57 18.44 22.86
C PHE Q 117 -9.52 17.22 22.91
N GLY Q 118 -10.72 17.40 23.47
CA GLY Q 118 -11.76 16.36 23.50
C GLY Q 118 -11.57 15.29 24.61
N MET Q 119 -10.63 14.38 24.42
CA MET Q 119 -10.11 13.47 25.48
C MET Q 119 -11.03 12.33 25.97
N ASP Q 120 -10.54 11.60 26.98
CA ASP Q 120 -11.25 10.44 27.55
C ASP Q 120 -12.43 10.82 28.48
N PHE Q 121 -13.51 11.36 27.89
CA PHE Q 121 -14.68 11.90 28.60
C PHE Q 121 -15.47 10.93 29.51
N TYR Q 122 -14.76 10.04 30.21
CA TYR Q 122 -15.35 9.09 31.17
C TYR Q 122 -14.39 8.52 32.25
N VAL Q 123 -14.98 7.81 33.22
CA VAL Q 123 -14.38 7.42 34.49
C VAL Q 123 -15.53 7.48 35.50
N VAL Q 124 -16.54 6.62 35.28
CA VAL Q 124 -17.93 6.80 35.75
C VAL Q 124 -18.55 5.77 36.75
N MET Q 125 -19.79 5.31 36.48
CA MET Q 125 -20.67 4.79 37.56
C MET Q 125 -20.86 3.28 37.66
N ASN Q 126 -21.94 2.90 38.35
CA ASN Q 126 -22.44 1.51 38.45
C ASN Q 126 -23.01 1.12 39.84
N ARG Q 127 -23.78 2.01 40.46
CA ARG Q 127 -24.50 1.71 41.73
C ARG Q 127 -23.62 1.52 42.97
N PRO Q 128 -24.18 0.91 44.01
CA PRO Q 128 -23.48 0.89 45.30
C PRO Q 128 -23.63 -0.29 46.27
N GLY Q 129 -23.35 0.00 47.53
CA GLY Q 129 -23.20 -1.00 48.57
C GLY Q 129 -22.28 -0.58 49.71
N ALA Q 130 -20.99 -0.91 49.59
CA ALA Q 130 -20.02 -0.77 50.69
C ALA Q 130 -18.73 0.02 50.37
N ARG Q 131 -17.56 -0.58 50.65
CA ARG Q 131 -16.32 0.19 50.55
C ARG Q 131 -15.05 -0.57 50.16
N VAL Q 132 -14.82 -1.72 50.77
CA VAL Q 132 -13.61 -2.47 50.43
C VAL Q 132 -13.84 -3.99 50.40
N THR Q 133 -14.39 -4.43 49.29
CA THR Q 133 -14.49 -5.82 48.99
C THR Q 133 -13.48 -5.95 47.89
N ARG Q 134 -13.09 -4.80 47.33
CA ARG Q 134 -11.91 -4.78 46.50
C ARG Q 134 -10.76 -4.81 47.48
N ARG Q 135 -11.05 -5.34 48.66
CA ARG Q 135 -10.12 -5.37 49.77
C ARG Q 135 -8.87 -6.20 49.52
N LYS Q 136 -8.30 -6.68 50.61
CA LYS Q 136 -7.40 -7.81 50.59
C LYS Q 136 -7.83 -8.59 51.81
N ARG Q 137 -7.29 -9.79 52.01
CA ARG Q 137 -7.70 -10.65 53.13
C ARG Q 137 -9.23 -10.65 53.36
N CYS Q 138 -9.75 -11.75 53.88
CA CYS Q 138 -11.19 -11.90 54.01
C CYS Q 138 -11.96 -11.01 53.05
N LYS Q 139 -11.88 -11.33 51.76
CA LYS Q 139 -12.52 -10.56 50.70
C LYS Q 139 -14.02 -10.83 50.62
N GLY Q 140 -14.72 -10.16 49.71
CA GLY Q 140 -16.17 -10.26 49.69
C GLY Q 140 -17.04 -9.51 48.69
N THR Q 141 -18.27 -9.97 48.62
CA THR Q 141 -19.28 -9.39 47.77
C THR Q 141 -19.82 -8.20 48.51
N VAL Q 142 -19.73 -7.03 47.89
CA VAL Q 142 -20.31 -5.83 48.46
C VAL Q 142 -21.71 -6.15 48.97
N GLY Q 143 -22.36 -5.18 49.58
CA GLY Q 143 -23.71 -5.39 50.06
C GLY Q 143 -24.74 -5.46 48.95
N ASN Q 144 -26.00 -5.25 49.32
CA ASN Q 144 -27.10 -5.12 48.36
C ASN Q 144 -27.61 -3.70 48.42
N SER Q 145 -26.71 -2.76 48.21
CA SER Q 145 -27.02 -1.35 48.37
C SER Q 145 -26.95 -0.61 47.04
N HIS Q 146 -27.95 0.24 46.83
CA HIS Q 146 -28.04 1.25 45.76
C HIS Q 146 -28.54 0.79 44.38
N LYS Q 147 -28.65 1.75 43.46
CA LYS Q 147 -29.23 1.48 42.14
C LYS Q 147 -28.18 1.48 41.02
N THR Q 148 -28.31 0.51 40.12
CA THR Q 148 -27.35 0.28 39.02
C THR Q 148 -26.81 1.56 38.43
N THR Q 149 -25.94 2.24 39.17
CA THR Q 149 -25.62 3.61 38.84
C THR Q 149 -26.96 4.27 38.60
N LYS Q 150 -27.23 4.62 37.34
CA LYS Q 150 -28.55 5.09 36.91
C LYS Q 150 -29.40 5.81 37.98
N GLU Q 151 -30.45 5.14 38.44
CA GLU Q 151 -31.38 5.74 39.39
C GLU Q 151 -30.70 6.14 40.69
N ASP Q 152 -29.37 5.99 40.73
CA ASP Q 152 -28.58 6.42 41.87
C ASP Q 152 -27.37 7.24 41.41
N THR Q 153 -26.45 6.60 40.69
CA THR Q 153 -25.25 7.33 40.26
C THR Q 153 -25.54 8.37 39.18
N VAL Q 154 -26.83 8.65 38.92
CA VAL Q 154 -27.24 9.76 38.06
C VAL Q 154 -27.65 10.95 38.92
N SER Q 155 -28.36 10.65 40.00
CA SER Q 155 -28.74 11.67 40.98
C SER Q 155 -27.54 12.09 41.84
N TRP Q 156 -26.34 11.95 41.31
CA TRP Q 156 -25.12 12.43 41.97
C TRP Q 156 -24.10 12.86 40.90
N PHE Q 157 -24.62 13.00 39.67
CA PHE Q 157 -24.01 13.77 38.58
C PHE Q 157 -25.10 14.68 38.15
N LYS Q 158 -26.11 14.78 39.01
CA LYS Q 158 -27.23 15.68 38.86
C LYS Q 158 -27.18 16.72 39.98
N GLN Q 159 -26.29 16.49 40.93
CA GLN Q 159 -26.01 17.48 41.97
C GLN Q 159 -24.53 17.89 41.89
N LYS Q 160 -23.97 17.74 40.70
CA LYS Q 160 -22.84 18.55 40.29
C LYS Q 160 -23.51 19.59 39.38
N TYR Q 161 -24.84 19.51 39.35
CA TYR Q 161 -25.71 20.43 38.62
C TYR Q 161 -25.33 20.61 37.15
N ASP Q 162 -25.96 19.82 36.29
CA ASP Q 162 -25.65 19.80 34.86
C ASP Q 162 -26.52 18.86 34.01
N ALA Q 163 -26.31 18.91 32.69
CA ALA Q 163 -27.22 18.29 31.75
C ALA Q 163 -26.94 16.82 31.40
N ASP Q 164 -28.00 16.02 31.46
CA ASP Q 164 -27.98 14.63 31.04
C ASP Q 164 -29.38 14.08 31.24
N VAL Q 165 -30.01 14.47 32.35
CA VAL Q 165 -31.36 14.01 32.68
C VAL Q 165 -32.29 14.00 31.47
#